data_5Y2V
#
_entry.id   5Y2V
#
_cell.length_a   90.766
_cell.length_b   109.160
_cell.length_c   178.226
_cell.angle_alpha   90.00
_cell.angle_beta   90.00
_cell.angle_gamma   90.00
#
_symmetry.space_group_name_H-M   'P 21 21 21'
#
loop_
_entity.id
_entity.type
_entity.pdbx_description
1 polymer 'Rubisco operon transcriptional regulator'
2 non-polymer 'PHOSPHATE ION'
3 non-polymer '2-OXOGLUTARIC ACID'
4 water water
#
_entity_poly.entity_id   1
_entity_poly.type   'polypeptide(L)'
_entity_poly.pdbx_seq_one_letter_code
;MGHHHHHHMQATLHQLKVFEATARHGSFTRAAEELYITQPTVSSQIKQLSKTVGLPLFEQIGKRLYLTEAGQELLVTCQD
IFQRLDNFAMKVADIKGTKQGRLRLAVITTAKYFIPRLLGEFIQKYPGIEVSLKVTNHEQIRHRMQNNEDDLYIVSEPPE
EIDLNYQPFLDNPLVVIARRDHPLAGKSNIPITALNDEAFIMREKGSGTRLAVQNLFHRHYVDVRVRLELGSNEAIKQAI
AGGMGISVLSQHTLVSEGARSELTILDIDEFPIKRRWYVANLAGKQLSVITQTFLDYLMAVTKNMPAPFAEQLTTQQTPV
KLVL
;
_entity_poly.pdbx_strand_id   A,B,C,D
#
# COMPACT_ATOMS: atom_id res chain seq x y z
N HIS A 7 -16.53 -13.13 -34.19
CA HIS A 7 -16.98 -12.91 -32.78
C HIS A 7 -15.98 -13.61 -31.82
N HIS A 8 -16.50 -14.22 -30.77
CA HIS A 8 -15.76 -14.75 -29.65
C HIS A 8 -16.13 -16.18 -29.31
N MET A 9 -16.95 -16.79 -30.14
CA MET A 9 -17.26 -18.20 -30.02
C MET A 9 -16.22 -18.98 -30.81
N GLN A 10 -15.25 -18.27 -31.44
CA GLN A 10 -14.03 -18.84 -32.05
C GLN A 10 -12.98 -19.23 -31.00
N ALA A 11 -13.15 -18.80 -29.75
CA ALA A 11 -12.28 -19.20 -28.65
C ALA A 11 -12.53 -20.63 -28.29
N THR A 12 -11.51 -21.35 -27.86
CA THR A 12 -11.77 -22.68 -27.28
C THR A 12 -11.68 -22.74 -25.76
N LEU A 13 -12.31 -23.71 -25.18
CA LEU A 13 -12.21 -23.92 -23.73
C LEU A 13 -10.78 -24.22 -23.26
N HIS A 14 -10.01 -24.87 -24.13
CA HIS A 14 -8.62 -25.15 -23.88
C HIS A 14 -7.83 -23.83 -23.81
N GLN A 15 -8.12 -22.94 -24.76
CA GLN A 15 -7.47 -21.65 -24.76
C GLN A 15 -7.73 -20.90 -23.48
N LEU A 16 -8.92 -21.00 -22.96
CA LEU A 16 -9.28 -20.27 -21.76
C LEU A 16 -8.62 -20.94 -20.57
N LYS A 17 -8.55 -22.26 -20.55
CA LYS A 17 -7.81 -22.96 -19.50
C LYS A 17 -6.35 -22.50 -19.48
N VAL A 18 -5.72 -22.52 -20.64
CA VAL A 18 -4.33 -22.09 -20.76
C VAL A 18 -4.12 -20.65 -20.28
N PHE A 19 -5.05 -19.78 -20.64
CA PHE A 19 -4.99 -18.37 -20.22
C PHE A 19 -5.25 -18.23 -18.74
N GLU A 20 -6.19 -18.96 -18.21
CA GLU A 20 -6.54 -18.76 -16.84
C GLU A 20 -5.42 -19.28 -15.93
N ALA A 21 -4.74 -20.34 -16.34
CA ALA A 21 -3.62 -20.89 -15.56
C ALA A 21 -2.38 -20.01 -15.68
N THR A 22 -2.22 -19.32 -16.82
CA THR A 22 -1.08 -18.45 -17.00
C THR A 22 -1.21 -17.18 -16.11
N ALA A 23 -2.40 -16.61 -16.09
CA ALA A 23 -2.68 -15.46 -15.29
C ALA A 23 -2.44 -15.86 -13.82
N ARG A 24 -3.05 -16.97 -13.42
CA ARG A 24 -2.94 -17.41 -12.03
C ARG A 24 -1.48 -17.59 -11.57
N HIS A 25 -0.64 -18.19 -12.41
CA HIS A 25 0.76 -18.50 -12.06
C HIS A 25 1.72 -17.35 -12.40
N GLY A 26 1.33 -16.48 -13.32
CA GLY A 26 2.21 -15.40 -13.80
C GLY A 26 3.39 -15.87 -14.60
N SER A 27 3.24 -16.96 -15.33
CA SER A 27 4.38 -17.73 -15.92
C SER A 27 3.89 -18.71 -16.99
N PHE A 28 4.44 -18.62 -18.20
CA PHE A 28 4.17 -19.66 -19.22
C PHE A 28 4.69 -21.02 -18.78
N THR A 29 5.85 -21.05 -18.11
CA THR A 29 6.46 -22.30 -17.59
C THR A 29 5.63 -23.02 -16.55
N ARG A 30 5.20 -22.27 -15.54
CA ARG A 30 4.41 -22.87 -14.45
C ARG A 30 3.05 -23.35 -15.00
N ALA A 31 2.47 -22.56 -15.94
CA ALA A 31 1.20 -22.95 -16.58
C ALA A 31 1.35 -24.25 -17.37
N ALA A 32 2.38 -24.31 -18.18
CA ALA A 32 2.64 -25.51 -18.95
C ALA A 32 2.80 -26.74 -18.04
N GLU A 33 3.42 -26.58 -16.88
CA GLU A 33 3.57 -27.71 -15.97
C GLU A 33 2.21 -28.15 -15.46
N GLU A 34 1.39 -27.20 -15.06
CA GLU A 34 0.08 -27.54 -14.52
C GLU A 34 -0.79 -28.29 -15.52
N LEU A 35 -0.75 -27.85 -16.77
CA LEU A 35 -1.61 -28.38 -17.84
C LEU A 35 -1.03 -29.56 -18.64
N TYR A 36 0.18 -30.03 -18.27
CA TYR A 36 0.90 -31.13 -18.98
C TYR A 36 1.03 -30.77 -20.48
N ILE A 37 1.66 -29.64 -20.74
CA ILE A 37 1.90 -29.23 -22.10
C ILE A 37 3.27 -28.60 -22.24
N THR A 38 3.69 -28.39 -23.48
CA THR A 38 4.95 -27.72 -23.74
C THR A 38 4.69 -26.22 -23.66
N GLN A 39 5.73 -25.49 -23.31
CA GLN A 39 5.65 -24.06 -23.27
C GLN A 39 5.33 -23.39 -24.66
N PRO A 40 5.77 -24.00 -25.76
CA PRO A 40 5.33 -23.34 -27.02
C PRO A 40 3.83 -23.52 -27.29
N THR A 41 3.26 -24.64 -26.81
CA THR A 41 1.81 -24.84 -26.87
C THR A 41 1.10 -23.66 -26.10
N VAL A 42 1.56 -23.39 -24.86
CA VAL A 42 1.07 -22.26 -24.06
C VAL A 42 1.20 -20.98 -24.88
N SER A 43 2.40 -20.79 -25.43
CA SER A 43 2.75 -19.57 -26.17
C SER A 43 1.80 -19.31 -27.34
N SER A 44 1.60 -20.30 -28.17
CA SER A 44 0.80 -20.13 -29.38
C SER A 44 -0.72 -20.13 -29.07
N GLN A 45 -1.17 -21.00 -28.17
CA GLN A 45 -2.54 -20.89 -27.70
C GLN A 45 -2.89 -19.44 -27.22
N ILE A 46 -1.96 -18.78 -26.51
CA ILE A 46 -2.21 -17.43 -26.00
C ILE A 46 -2.24 -16.41 -27.14
N LYS A 47 -1.32 -16.57 -28.08
CA LYS A 47 -1.26 -15.73 -29.30
C LYS A 47 -2.56 -15.83 -30.13
N GLN A 48 -3.00 -17.07 -30.40
CA GLN A 48 -4.27 -17.35 -31.07
C GLN A 48 -5.45 -16.70 -30.38
N LEU A 49 -5.68 -17.03 -29.11
CA LEU A 49 -6.76 -16.40 -28.32
C LEU A 49 -6.72 -14.86 -28.35
N SER A 50 -5.49 -14.34 -28.27
CA SER A 50 -5.25 -12.93 -28.25
C SER A 50 -5.62 -12.28 -29.62
N LYS A 51 -5.35 -13.00 -30.70
CA LYS A 51 -5.80 -12.58 -32.01
C LYS A 51 -7.33 -12.58 -32.11
N THR A 52 -7.99 -13.64 -31.65
CA THR A 52 -9.47 -13.75 -31.56
C THR A 52 -10.22 -12.64 -30.78
N VAL A 53 -9.61 -12.18 -29.70
CA VAL A 53 -10.17 -11.11 -28.90
C VAL A 53 -9.86 -9.79 -29.64
N GLY A 54 -8.69 -9.73 -30.28
CA GLY A 54 -8.14 -8.51 -30.89
C GLY A 54 -7.64 -7.40 -29.98
N LEU A 55 -7.34 -7.75 -28.73
CA LEU A 55 -6.54 -6.90 -27.85
C LEU A 55 -5.45 -7.76 -27.20
N PRO A 56 -4.34 -7.13 -26.84
CA PRO A 56 -3.36 -7.85 -26.03
C PRO A 56 -3.92 -8.20 -24.67
N LEU A 57 -3.60 -9.41 -24.22
CA LEU A 57 -4.00 -9.93 -22.90
C LEU A 57 -2.90 -9.87 -21.90
N PHE A 58 -1.64 -9.91 -22.36
CA PHE A 58 -0.51 -9.82 -21.48
C PHE A 58 0.44 -8.79 -22.01
N GLU A 59 1.23 -8.17 -21.11
CA GLU A 59 2.46 -7.39 -21.47
C GLU A 59 3.67 -7.92 -20.71
N GLN A 60 4.78 -8.19 -21.40
CA GLN A 60 6.00 -8.73 -20.81
C GLN A 60 6.99 -7.62 -20.77
N ILE A 61 7.13 -7.02 -19.60
CA ILE A 61 7.99 -5.87 -19.38
C ILE A 61 9.15 -6.35 -18.51
N GLY A 62 10.32 -6.44 -19.13
CA GLY A 62 11.48 -7.05 -18.50
C GLY A 62 11.26 -8.55 -18.41
N LYS A 63 11.57 -9.12 -17.25
CA LYS A 63 11.36 -10.56 -16.98
C LYS A 63 10.01 -10.83 -16.25
N ARG A 64 9.11 -9.85 -16.30
CA ARG A 64 7.87 -9.90 -15.56
C ARG A 64 6.70 -9.86 -16.54
N LEU A 65 5.70 -10.67 -16.25
CA LEU A 65 4.50 -10.76 -17.04
C LEU A 65 3.33 -10.08 -16.33
N TYR A 66 2.61 -9.23 -17.05
CA TYR A 66 1.55 -8.48 -16.43
C TYR A 66 0.33 -8.68 -17.24
N LEU A 67 -0.84 -8.65 -16.60
CA LEU A 67 -2.12 -8.69 -17.30
C LEU A 67 -2.49 -7.31 -17.75
N THR A 68 -2.93 -7.19 -18.99
CA THR A 68 -3.59 -5.98 -19.49
C THR A 68 -4.99 -5.87 -18.88
N GLU A 69 -5.64 -4.75 -19.19
CA GLU A 69 -7.01 -4.46 -18.79
C GLU A 69 -7.95 -5.47 -19.35
N ALA A 70 -7.80 -5.71 -20.65
CA ALA A 70 -8.60 -6.73 -21.34
C ALA A 70 -8.37 -8.13 -20.74
N GLY A 71 -7.11 -8.45 -20.47
CA GLY A 71 -6.74 -9.64 -19.74
C GLY A 71 -7.42 -9.74 -18.39
N GLN A 72 -7.44 -8.63 -17.66
CA GLN A 72 -7.98 -8.70 -16.31
C GLN A 72 -9.46 -9.07 -16.43
N GLU A 73 -10.06 -8.52 -17.47
CA GLU A 73 -11.48 -8.62 -17.70
C GLU A 73 -11.80 -10.07 -18.19
N LEU A 74 -11.02 -10.58 -19.17
CA LEU A 74 -11.13 -11.98 -19.60
C LEU A 74 -10.95 -13.04 -18.45
N LEU A 75 -10.01 -12.79 -17.56
CA LEU A 75 -9.77 -13.63 -16.41
C LEU A 75 -11.06 -13.78 -15.58
N VAL A 76 -11.79 -12.68 -15.37
CA VAL A 76 -13.07 -12.79 -14.62
C VAL A 76 -14.07 -13.65 -15.45
N THR A 77 -14.15 -13.36 -16.77
CA THR A 77 -14.98 -14.12 -17.70
C THR A 77 -14.62 -15.63 -17.61
N CYS A 78 -13.33 -16.00 -17.70
CA CYS A 78 -12.92 -17.42 -17.57
C CYS A 78 -13.33 -18.04 -16.23
N GLN A 79 -13.21 -17.28 -15.14
CA GLN A 79 -13.56 -17.83 -13.80
C GLN A 79 -15.06 -18.01 -13.60
N ASP A 80 -15.90 -17.06 -14.04
CA ASP A 80 -17.39 -17.26 -14.13
C ASP A 80 -17.78 -18.53 -14.96
N ILE A 81 -17.28 -18.61 -16.19
CA ILE A 81 -17.55 -19.73 -17.07
C ILE A 81 -17.17 -21.07 -16.41
N PHE A 82 -15.96 -21.17 -15.88
CA PHE A 82 -15.53 -22.40 -15.20
C PHE A 82 -16.42 -22.73 -14.00
N GLN A 83 -16.79 -21.73 -13.22
CA GLN A 83 -17.72 -21.92 -12.09
C GLN A 83 -19.09 -22.54 -12.53
N ARG A 84 -19.65 -21.98 -13.60
CA ARG A 84 -20.90 -22.48 -14.17
C ARG A 84 -20.76 -23.98 -14.61
N LEU A 85 -19.62 -24.35 -15.22
CA LEU A 85 -19.38 -25.76 -15.57
C LEU A 85 -19.19 -26.66 -14.32
N ASP A 86 -18.53 -26.15 -13.29
CA ASP A 86 -18.49 -26.88 -12.01
C ASP A 86 -19.91 -27.14 -11.48
N ASN A 87 -20.71 -26.07 -11.49
CA ASN A 87 -22.10 -26.16 -11.03
C ASN A 87 -22.95 -27.18 -11.78
N PHE A 88 -22.78 -27.21 -13.08
CA PHE A 88 -23.47 -28.19 -13.88
C PHE A 88 -23.02 -29.60 -13.52
N ALA A 89 -21.73 -29.81 -13.42
CA ALA A 89 -21.19 -31.12 -12.96
C ALA A 89 -21.75 -31.64 -11.61
N MET A 90 -21.93 -30.69 -10.67
CA MET A 90 -22.56 -30.98 -9.38
C MET A 90 -24.05 -31.37 -9.55
N LYS A 91 -24.80 -30.66 -10.42
CA LYS A 91 -26.23 -30.99 -10.61
C LYS A 91 -26.41 -32.41 -11.16
N VAL A 92 -25.48 -32.78 -12.04
CA VAL A 92 -25.45 -34.07 -12.68
C VAL A 92 -25.18 -35.17 -11.66
N ALA A 93 -24.20 -34.97 -10.79
CA ALA A 93 -23.96 -35.93 -9.70
C ALA A 93 -25.19 -36.06 -8.81
N ASP A 94 -25.89 -34.94 -8.56
CA ASP A 94 -27.11 -34.91 -7.76
C ASP A 94 -28.28 -35.64 -8.43
N ILE A 95 -28.32 -35.59 -9.75
CA ILE A 95 -29.32 -36.33 -10.48
C ILE A 95 -28.96 -37.82 -10.35
N LYS A 96 -27.80 -38.20 -10.87
CA LYS A 96 -27.27 -39.58 -10.77
C LYS A 96 -27.44 -40.22 -9.39
N GLY A 97 -27.22 -39.48 -8.34
CA GLY A 97 -27.40 -40.03 -7.02
C GLY A 97 -28.78 -39.83 -6.43
N THR A 98 -29.76 -39.51 -7.26
CA THR A 98 -31.15 -39.30 -6.81
C THR A 98 -31.21 -38.42 -5.55
N LYS A 99 -30.40 -37.37 -5.55
CA LYS A 99 -30.30 -36.54 -4.36
C LYS A 99 -31.54 -35.68 -4.24
N GLN A 100 -31.97 -35.51 -3.01
CA GLN A 100 -33.15 -34.72 -2.68
C GLN A 100 -32.98 -33.23 -3.02
N GLY A 101 -31.75 -32.74 -2.98
CA GLY A 101 -31.48 -31.36 -3.34
C GLY A 101 -30.26 -30.90 -2.61
N ARG A 102 -29.87 -29.67 -2.90
CA ARG A 102 -28.57 -29.18 -2.46
C ARG A 102 -28.66 -27.89 -1.69
N LEU A 103 -28.02 -27.87 -0.52
CA LEU A 103 -27.87 -26.67 0.32
C LEU A 103 -26.73 -25.72 -0.13
N ARG A 104 -27.01 -24.43 -0.27
CA ARG A 104 -25.95 -23.42 -0.58
C ARG A 104 -25.68 -22.46 0.57
N LEU A 105 -24.54 -22.64 1.22
CA LEU A 105 -24.09 -21.82 2.38
C LEU A 105 -22.85 -21.02 2.05
N ALA A 106 -22.91 -19.73 2.35
CA ALA A 106 -21.72 -18.88 2.39
C ALA A 106 -21.53 -18.25 3.79
N VAL A 107 -20.37 -18.53 4.39
CA VAL A 107 -20.10 -18.12 5.74
C VAL A 107 -18.86 -17.27 5.82
N ILE A 108 -18.89 -16.32 6.75
CA ILE A 108 -17.75 -15.50 7.05
C ILE A 108 -16.59 -16.40 7.51
N THR A 109 -15.40 -15.99 7.13
CA THR A 109 -14.16 -16.63 7.51
C THR A 109 -14.14 -17.32 8.89
N THR A 110 -14.50 -16.61 9.93
CA THR A 110 -14.22 -17.10 11.29
C THR A 110 -15.14 -18.27 11.74
N ALA A 111 -16.26 -18.44 11.03
CA ALA A 111 -17.18 -19.59 11.18
C ALA A 111 -16.70 -20.95 10.63
N LYS A 112 -15.56 -20.98 9.97
CA LYS A 112 -14.88 -22.24 9.72
C LYS A 112 -14.54 -23.08 10.96
N TYR A 113 -14.56 -22.51 12.14
CA TYR A 113 -14.23 -23.26 13.32
C TYR A 113 -15.42 -23.92 14.05
N PHE A 114 -16.64 -23.78 13.50
CA PHE A 114 -17.83 -24.53 13.98
C PHE A 114 -18.73 -25.07 12.87
N ILE A 115 -18.95 -24.28 11.78
CA ILE A 115 -19.82 -24.68 10.64
C ILE A 115 -19.45 -26.02 9.94
N PRO A 116 -18.26 -26.15 9.33
CA PRO A 116 -17.98 -27.41 8.62
C PRO A 116 -18.29 -28.69 9.45
N ARG A 117 -17.82 -28.74 10.70
CA ARG A 117 -18.02 -29.91 11.53
C ARG A 117 -19.48 -30.12 11.71
N LEU A 118 -20.14 -29.07 12.15
CA LEU A 118 -21.59 -29.07 12.42
C LEU A 118 -22.36 -29.54 11.17
N LEU A 119 -21.93 -29.05 10.01
CA LEU A 119 -22.48 -29.42 8.72
C LEU A 119 -22.29 -30.89 8.31
N GLY A 120 -21.18 -31.47 8.75
CA GLY A 120 -20.96 -32.93 8.66
C GLY A 120 -22.02 -33.73 9.39
N GLU A 121 -22.28 -33.32 10.64
CA GLU A 121 -23.26 -33.95 11.56
C GLU A 121 -24.72 -33.72 11.12
N PHE A 122 -24.94 -32.68 10.34
CA PHE A 122 -26.22 -32.43 9.73
C PHE A 122 -26.49 -33.38 8.54
N ILE A 123 -25.50 -33.59 7.66
CA ILE A 123 -25.68 -34.56 6.56
C ILE A 123 -25.81 -35.98 7.07
N GLN A 124 -25.12 -36.30 8.16
CA GLN A 124 -25.34 -37.53 8.91
C GLN A 124 -26.84 -37.81 9.02
N LYS A 125 -27.59 -36.84 9.54
CA LYS A 125 -29.04 -36.94 9.66
C LYS A 125 -29.85 -36.97 8.38
N TYR A 126 -29.32 -36.41 7.29
CA TYR A 126 -30.02 -36.42 5.99
C TYR A 126 -29.08 -36.70 4.81
N PRO A 127 -28.77 -37.98 4.53
CA PRO A 127 -27.89 -38.27 3.38
C PRO A 127 -28.53 -37.92 2.05
N GLY A 128 -29.83 -37.66 2.07
CA GLY A 128 -30.52 -37.11 0.92
C GLY A 128 -30.05 -35.73 0.50
N ILE A 129 -29.36 -35.02 1.37
CA ILE A 129 -28.91 -33.66 1.10
C ILE A 129 -27.37 -33.52 0.84
N GLU A 130 -27.08 -32.60 -0.08
CA GLU A 130 -25.72 -32.29 -0.47
C GLU A 130 -25.54 -30.84 -0.09
N VAL A 131 -24.28 -30.43 0.00
CA VAL A 131 -23.94 -29.11 0.53
C VAL A 131 -22.77 -28.47 -0.23
N SER A 132 -22.90 -27.17 -0.43
CA SER A 132 -21.91 -26.35 -1.10
C SER A 132 -21.55 -25.23 -0.14
N LEU A 133 -20.45 -25.41 0.57
CA LEU A 133 -20.01 -24.46 1.59
C LEU A 133 -18.92 -23.58 1.03
N LYS A 134 -19.18 -22.28 1.04
CA LYS A 134 -18.20 -21.23 0.69
C LYS A 134 -17.79 -20.49 1.98
N VAL A 135 -16.51 -20.57 2.37
CA VAL A 135 -16.00 -19.81 3.49
C VAL A 135 -15.24 -18.62 2.96
N THR A 136 -15.70 -17.40 3.19
CA THR A 136 -15.02 -16.19 2.67
C THR A 136 -15.13 -14.90 3.55
N ASN A 137 -14.56 -13.76 3.07
CA ASN A 137 -14.62 -12.46 3.78
C ASN A 137 -15.95 -11.70 3.56
N HIS A 138 -16.12 -10.56 4.25
CA HIS A 138 -17.38 -9.77 4.18
C HIS A 138 -17.69 -9.20 2.80
N GLU A 139 -16.64 -8.80 2.08
CA GLU A 139 -16.78 -8.21 0.76
C GLU A 139 -17.46 -9.27 -0.15
N GLN A 140 -16.82 -10.44 -0.25
CA GLN A 140 -17.32 -11.57 -1.08
C GLN A 140 -18.69 -12.05 -0.68
N ILE A 141 -19.05 -11.90 0.59
CA ILE A 141 -20.38 -12.29 1.05
C ILE A 141 -21.40 -11.29 0.51
N ARG A 142 -21.04 -10.01 0.49
CA ARG A 142 -21.95 -8.98 -0.04
C ARG A 142 -22.13 -9.15 -1.55
N HIS A 143 -21.03 -9.45 -2.24
CA HIS A 143 -21.07 -9.83 -3.68
C HIS A 143 -22.11 -10.94 -3.93
N ARG A 144 -21.89 -12.11 -3.33
CA ARG A 144 -22.80 -13.28 -3.41
C ARG A 144 -24.27 -12.90 -3.05
N MET A 145 -24.41 -11.93 -2.15
CA MET A 145 -25.73 -11.50 -1.66
C MET A 145 -26.51 -10.71 -2.69
N GLN A 146 -25.81 -9.89 -3.46
CA GLN A 146 -26.44 -9.11 -4.53
C GLN A 146 -26.89 -9.98 -5.70
N ASN A 147 -26.18 -11.09 -5.93
CA ASN A 147 -26.47 -12.06 -7.00
C ASN A 147 -27.34 -13.28 -6.59
N ASN A 148 -27.96 -13.27 -5.40
CA ASN A 148 -28.76 -14.44 -4.91
C ASN A 148 -28.00 -15.80 -5.03
N GLU A 149 -26.65 -15.76 -4.91
CA GLU A 149 -25.80 -16.98 -5.11
C GLU A 149 -25.98 -18.14 -4.09
N ASP A 150 -26.56 -17.87 -2.92
CA ASP A 150 -26.64 -18.85 -1.82
C ASP A 150 -28.00 -18.79 -1.14
N ASP A 151 -28.34 -19.85 -0.38
CA ASP A 151 -29.64 -19.95 0.33
C ASP A 151 -29.60 -19.29 1.73
N LEU A 152 -28.46 -19.42 2.41
CA LEU A 152 -28.22 -18.81 3.74
C LEU A 152 -26.82 -18.19 3.81
N TYR A 153 -26.71 -17.12 4.58
CA TYR A 153 -25.43 -16.44 4.77
C TYR A 153 -25.20 -16.31 6.27
N ILE A 154 -23.95 -16.53 6.69
CA ILE A 154 -23.56 -16.40 8.08
C ILE A 154 -22.52 -15.33 8.18
N VAL A 155 -22.79 -14.28 8.97
CA VAL A 155 -21.91 -13.08 9.03
C VAL A 155 -21.69 -12.67 10.45
N SER A 156 -20.57 -11.97 10.71
CA SER A 156 -20.38 -11.20 11.94
C SER A 156 -21.12 -9.83 11.95
N GLU A 157 -21.19 -9.18 10.80
CA GLU A 157 -21.76 -7.86 10.67
C GLU A 157 -22.66 -7.85 9.43
N PRO A 158 -24.00 -8.04 9.57
CA PRO A 158 -24.89 -8.00 8.37
C PRO A 158 -24.78 -6.66 7.61
N PRO A 159 -24.44 -6.69 6.31
CA PRO A 159 -24.25 -5.40 5.62
C PRO A 159 -25.54 -4.58 5.41
N GLU A 160 -25.38 -3.25 5.59
CA GLU A 160 -26.47 -2.25 5.55
C GLU A 160 -26.88 -1.94 4.10
N GLU A 161 -26.04 -2.35 3.15
CA GLU A 161 -26.32 -2.22 1.72
C GLU A 161 -27.44 -3.14 1.22
N ILE A 162 -27.69 -4.23 1.93
CA ILE A 162 -28.55 -5.31 1.44
C ILE A 162 -29.76 -5.40 2.34
N ASP A 163 -30.86 -5.84 1.73
CA ASP A 163 -32.11 -6.03 2.38
C ASP A 163 -32.10 -7.46 2.94
N LEU A 164 -31.68 -7.62 4.20
CA LEU A 164 -31.60 -8.97 4.82
C LEU A 164 -32.69 -9.31 5.84
N ASN A 165 -32.83 -10.61 6.12
CA ASN A 165 -33.70 -11.10 7.20
C ASN A 165 -32.82 -11.90 8.16
N TYR A 166 -31.95 -11.16 8.87
CA TYR A 166 -31.04 -11.77 9.84
C TYR A 166 -31.45 -11.88 11.30
N GLN A 167 -30.87 -12.87 12.00
CA GLN A 167 -30.92 -13.02 13.46
C GLN A 167 -29.64 -13.65 14.06
N PRO A 168 -29.25 -13.26 15.28
CA PRO A 168 -28.09 -13.92 15.94
C PRO A 168 -28.41 -15.34 16.40
N PHE A 169 -27.38 -16.21 16.44
CA PHE A 169 -27.51 -17.64 16.89
C PHE A 169 -26.34 -18.17 17.73
N LEU A 170 -25.17 -17.53 17.71
CA LEU A 170 -24.10 -18.01 18.51
C LEU A 170 -23.23 -16.88 18.93
N ASP A 171 -22.77 -16.88 20.17
CA ASP A 171 -21.88 -15.79 20.60
C ASP A 171 -20.47 -16.08 20.14
N ASN A 172 -19.72 -15.01 19.89
CA ASN A 172 -18.32 -15.05 19.45
C ASN A 172 -17.55 -14.23 20.42
N PRO A 173 -17.10 -14.87 21.49
CA PRO A 173 -16.24 -14.15 22.46
C PRO A 173 -14.78 -14.06 22.07
N LEU A 174 -14.27 -12.87 22.00
CA LEU A 174 -12.89 -12.64 21.75
C LEU A 174 -12.21 -12.65 23.10
N VAL A 175 -11.18 -13.47 23.26
CA VAL A 175 -10.44 -13.57 24.55
C VAL A 175 -8.95 -13.33 24.42
N VAL A 176 -8.33 -13.04 25.55
CA VAL A 176 -6.88 -13.02 25.68
C VAL A 176 -6.34 -14.48 25.79
N ILE A 177 -5.32 -14.77 24.96
CA ILE A 177 -4.68 -16.04 24.84
C ILE A 177 -3.19 -15.92 25.03
N ALA A 178 -2.68 -16.75 25.93
CA ALA A 178 -1.24 -16.89 26.22
C ALA A 178 -0.80 -18.36 26.31
N ARG A 179 0.48 -18.52 26.54
CA ARG A 179 1.11 -19.80 26.74
C ARG A 179 0.96 -20.20 28.21
N ARG A 180 0.75 -21.49 28.46
CA ARG A 180 0.37 -22.03 29.79
C ARG A 180 1.33 -21.58 30.91
N ASP A 181 2.59 -21.27 30.55
CA ASP A 181 3.61 -20.79 31.51
C ASP A 181 3.67 -19.28 31.78
N HIS A 182 2.69 -18.52 31.27
CA HIS A 182 2.64 -17.06 31.45
C HIS A 182 2.35 -16.72 32.93
N PRO A 183 3.04 -15.72 33.49
CA PRO A 183 2.82 -15.37 34.90
C PRO A 183 1.40 -15.14 35.32
N LEU A 184 0.49 -14.79 34.43
CA LEU A 184 -0.90 -14.49 34.83
C LEU A 184 -1.78 -15.71 34.57
N ALA A 185 -1.17 -16.81 34.14
CA ALA A 185 -1.92 -17.96 33.71
C ALA A 185 -2.44 -18.63 34.92
N GLY A 186 -3.72 -18.96 34.90
CA GLY A 186 -4.39 -19.59 36.05
C GLY A 186 -4.79 -18.65 37.18
N LYS A 187 -4.41 -17.38 37.13
CA LYS A 187 -4.89 -16.34 38.05
C LYS A 187 -6.33 -15.89 37.69
N SER A 188 -6.96 -15.18 38.62
CA SER A 188 -8.34 -14.74 38.49
C SER A 188 -8.47 -13.26 38.65
N ASN A 189 -9.55 -12.74 38.08
CA ASN A 189 -9.96 -11.34 38.23
C ASN A 189 -8.80 -10.38 38.07
N ILE A 190 -7.99 -10.60 37.03
CA ILE A 190 -6.88 -9.73 36.74
C ILE A 190 -7.45 -8.45 36.13
N PRO A 191 -7.02 -7.29 36.61
CA PRO A 191 -7.47 -6.09 35.89
C PRO A 191 -6.77 -5.94 34.53
N ILE A 192 -7.47 -5.33 33.58
CA ILE A 192 -6.93 -5.05 32.24
C ILE A 192 -5.64 -4.23 32.26
N THR A 193 -5.44 -3.42 33.30
CA THR A 193 -4.18 -2.69 33.38
C THR A 193 -2.91 -3.59 33.37
N ALA A 194 -3.00 -4.84 33.88
CA ALA A 194 -1.86 -5.81 33.85
C ALA A 194 -1.25 -6.15 32.46
N LEU A 195 -2.04 -5.88 31.40
CA LEU A 195 -1.59 -5.99 30.00
C LEU A 195 -0.67 -4.88 29.57
N ASN A 196 -0.51 -3.82 30.36
CA ASN A 196 0.51 -2.81 30.06
C ASN A 196 1.89 -3.44 29.93
N ASP A 197 2.51 -3.18 28.78
CA ASP A 197 3.90 -3.59 28.44
C ASP A 197 4.07 -5.00 27.99
N GLU A 198 2.97 -5.75 27.93
CA GLU A 198 3.05 -7.13 27.51
C GLU A 198 3.39 -7.12 26.01
N ALA A 199 4.30 -7.99 25.62
CA ALA A 199 4.55 -8.27 24.23
C ALA A 199 3.27 -8.81 23.59
N PHE A 200 2.78 -8.12 22.54
CA PHE A 200 1.45 -8.39 21.99
C PHE A 200 1.53 -8.61 20.49
N ILE A 201 0.69 -9.51 19.97
CA ILE A 201 0.64 -9.79 18.53
C ILE A 201 -0.72 -9.34 18.05
N MET A 202 -0.68 -8.43 17.11
CA MET A 202 -1.84 -7.68 16.70
C MET A 202 -2.25 -8.33 15.40
N ARG A 203 -3.55 -8.38 15.11
CA ARG A 203 -4.00 -8.66 13.76
C ARG A 203 -3.71 -7.48 12.78
N GLU A 204 -3.80 -7.69 11.46
CA GLU A 204 -3.56 -6.66 10.40
C GLU A 204 -4.55 -5.52 10.43
N LYS A 205 -4.21 -4.43 9.75
CA LYS A 205 -4.87 -3.10 9.91
C LYS A 205 -6.38 -2.99 9.67
N GLY A 206 -6.85 -3.47 8.52
CA GLY A 206 -8.32 -3.44 8.24
C GLY A 206 -9.24 -4.28 9.16
N SER A 207 -8.63 -5.18 9.92
CA SER A 207 -9.32 -6.12 10.77
C SER A 207 -10.26 -5.49 11.80
N GLY A 208 -11.46 -6.02 11.90
CA GLY A 208 -12.36 -5.63 12.96
C GLY A 208 -11.96 -6.13 14.34
N THR A 209 -11.31 -7.30 14.36
CA THR A 209 -10.65 -7.85 15.57
C THR A 209 -9.60 -6.82 16.09
N ARG A 210 -8.72 -6.39 15.21
CA ARG A 210 -7.81 -5.29 15.55
C ARG A 210 -8.53 -4.03 16.07
N LEU A 211 -9.63 -3.68 15.42
CA LEU A 211 -10.36 -2.51 15.83
C LEU A 211 -10.91 -2.67 17.26
N ALA A 212 -11.60 -3.77 17.46
CA ALA A 212 -12.24 -4.05 18.72
C ALA A 212 -11.26 -3.98 19.86
N VAL A 213 -10.07 -4.55 19.62
CA VAL A 213 -8.99 -4.60 20.58
C VAL A 213 -8.34 -3.23 20.83
N GLN A 214 -8.01 -2.50 19.76
CA GLN A 214 -7.51 -1.12 19.83
C GLN A 214 -8.46 -0.13 20.50
N ASN A 215 -9.75 -0.29 20.29
CA ASN A 215 -10.74 0.53 20.98
C ASN A 215 -10.81 0.23 22.45
N LEU A 216 -10.96 -1.03 22.80
CA LEU A 216 -10.98 -1.42 24.21
C LEU A 216 -9.69 -1.00 24.94
N PHE A 217 -8.53 -1.12 24.32
CA PHE A 217 -7.26 -0.73 24.97
C PHE A 217 -7.11 0.79 25.11
N HIS A 218 -7.66 1.55 24.15
CA HIS A 218 -7.73 3.02 24.18
C HIS A 218 -8.65 3.51 25.32
N ARG A 219 -9.84 2.93 25.39
CA ARG A 219 -10.79 3.16 26.52
C ARG A 219 -10.20 2.93 27.94
N HIS A 220 -9.22 2.00 28.06
CA HIS A 220 -8.62 1.68 29.35
C HIS A 220 -7.19 2.13 29.50
N TYR A 221 -6.70 2.90 28.55
CA TYR A 221 -5.36 3.55 28.67
C TYR A 221 -4.30 2.45 28.87
N VAL A 222 -4.43 1.42 28.04
CA VAL A 222 -3.58 0.26 28.07
C VAL A 222 -2.62 0.38 26.90
N ASP A 223 -1.32 0.43 27.21
CA ASP A 223 -0.25 0.50 26.24
C ASP A 223 0.53 -0.82 26.20
N VAL A 224 0.26 -1.64 25.17
CA VAL A 224 0.97 -2.90 24.91
C VAL A 224 2.11 -2.74 23.91
N ARG A 225 3.08 -3.63 23.96
CA ARG A 225 4.21 -3.60 23.05
C ARG A 225 3.89 -4.54 21.94
N VAL A 226 3.68 -3.95 20.78
CA VAL A 226 3.32 -4.69 19.59
C VAL A 226 4.57 -5.33 19.01
N ARG A 227 4.69 -6.64 19.13
CA ARG A 227 5.87 -7.40 18.69
C ARG A 227 5.74 -7.84 17.26
N LEU A 228 4.52 -7.92 16.78
CA LEU A 228 4.26 -8.52 15.45
C LEU A 228 2.87 -8.23 14.96
N GLU A 229 2.70 -8.15 13.64
CA GLU A 229 1.37 -8.13 13.04
C GLU A 229 1.26 -9.31 12.12
N LEU A 230 0.10 -10.00 12.18
CA LEU A 230 -0.22 -11.20 11.36
C LEU A 230 -1.64 -11.23 10.88
N GLY A 231 -1.77 -11.70 9.67
CA GLY A 231 -3.07 -11.82 9.08
C GLY A 231 -3.77 -13.12 9.44
N SER A 232 -3.05 -14.06 10.03
CA SER A 232 -3.56 -15.45 10.19
C SER A 232 -3.74 -15.79 11.66
N ASN A 233 -4.92 -16.30 12.03
CA ASN A 233 -5.14 -16.77 13.42
C ASN A 233 -4.21 -17.95 13.80
N GLU A 234 -4.04 -18.90 12.88
CA GLU A 234 -3.19 -20.05 13.15
C GLU A 234 -1.75 -19.64 13.37
N ALA A 235 -1.29 -18.72 12.53
CA ALA A 235 0.05 -18.16 12.71
C ALA A 235 0.19 -17.46 14.06
N ILE A 236 -0.86 -16.78 14.49
CA ILE A 236 -0.80 -16.12 15.77
C ILE A 236 -0.65 -17.16 16.90
N LYS A 237 -1.55 -18.13 16.92
CA LYS A 237 -1.46 -19.22 17.89
C LYS A 237 -0.06 -19.88 17.93
N GLN A 238 0.53 -20.13 16.76
CA GLN A 238 1.88 -20.64 16.71
C GLN A 238 2.87 -19.67 17.32
N ALA A 239 2.64 -18.38 17.09
CA ALA A 239 3.59 -17.37 17.59
C ALA A 239 3.50 -17.32 19.13
N ILE A 240 2.30 -17.48 19.67
CA ILE A 240 2.08 -17.54 21.13
C ILE A 240 2.82 -18.78 21.77
N ALA A 241 2.69 -19.94 21.12
CA ALA A 241 3.41 -21.16 21.50
C ALA A 241 4.90 -21.00 21.52
N GLY A 242 5.45 -20.23 20.60
CA GLY A 242 6.90 -19.96 20.63
C GLY A 242 7.30 -18.86 21.61
N GLY A 243 6.34 -18.45 22.44
CA GLY A 243 6.56 -17.33 23.34
C GLY A 243 6.86 -15.98 22.73
N MET A 244 6.36 -15.68 21.53
CA MET A 244 6.49 -14.31 21.03
C MET A 244 5.73 -13.25 21.86
N GLY A 245 4.60 -13.66 22.40
CA GLY A 245 3.78 -12.82 23.27
C GLY A 245 2.39 -13.40 23.40
N ILE A 246 1.44 -12.56 23.76
CA ILE A 246 0.01 -12.89 23.86
C ILE A 246 -0.76 -12.17 22.72
N SER A 247 -2.04 -12.55 22.57
CA SER A 247 -2.86 -11.88 21.55
C SER A 247 -4.32 -11.95 21.93
N VAL A 248 -5.20 -11.28 21.16
CA VAL A 248 -6.65 -11.43 21.34
C VAL A 248 -7.18 -12.11 20.08
N LEU A 249 -7.91 -13.21 20.26
CA LEU A 249 -8.54 -13.95 19.20
C LEU A 249 -9.88 -14.48 19.60
N SER A 250 -10.66 -14.86 18.58
CA SER A 250 -11.94 -15.50 18.77
C SER A 250 -11.68 -16.82 19.47
N GLN A 251 -12.38 -17.02 20.56
CA GLN A 251 -12.19 -18.20 21.39
C GLN A 251 -12.41 -19.46 20.56
N HIS A 252 -13.25 -19.39 19.53
CA HIS A 252 -13.45 -20.55 18.64
C HIS A 252 -12.20 -21.04 17.86
N THR A 253 -11.20 -20.18 17.70
CA THR A 253 -9.96 -20.58 17.07
C THR A 253 -9.25 -21.67 17.89
N LEU A 254 -9.72 -21.93 19.09
CA LEU A 254 -9.11 -22.94 19.95
C LEU A 254 -9.76 -24.31 19.73
N VAL A 255 -10.78 -24.35 18.88
CA VAL A 255 -11.43 -25.64 18.58
C VAL A 255 -10.39 -26.60 18.01
N SER A 256 -9.43 -26.08 17.23
CA SER A 256 -8.39 -26.89 16.52
C SER A 256 -7.15 -27.09 17.36
N GLU A 257 -7.29 -26.91 18.66
CA GLU A 257 -6.14 -26.96 19.56
C GLU A 257 -6.14 -28.32 20.35
N GLY A 258 -5.19 -29.16 20.02
CA GLY A 258 -5.18 -30.54 20.47
C GLY A 258 -4.47 -30.73 21.78
N ALA A 259 -4.24 -32.00 22.13
CA ALA A 259 -3.66 -32.46 23.42
C ALA A 259 -2.22 -31.97 23.66
N ARG A 260 -1.46 -31.75 22.60
CA ARG A 260 -0.12 -31.17 22.67
C ARG A 260 -0.05 -29.65 22.96
N SER A 261 -1.18 -28.93 22.82
CA SER A 261 -1.26 -27.46 22.98
C SER A 261 -0.80 -26.88 24.30
N GLU A 262 0.07 -25.88 24.19
CA GLU A 262 0.61 -25.09 25.29
C GLU A 262 -0.28 -23.89 25.68
N LEU A 263 -1.42 -23.67 25.01
CA LEU A 263 -2.18 -22.42 25.17
C LEU A 263 -3.21 -22.39 26.32
N THR A 264 -3.49 -21.17 26.80
CA THR A 264 -4.50 -20.95 27.83
C THR A 264 -5.19 -19.61 27.59
N ILE A 265 -6.38 -19.43 28.20
CA ILE A 265 -7.08 -18.13 28.23
C ILE A 265 -6.84 -17.28 29.51
N LEU A 266 -6.16 -16.14 29.42
CA LEU A 266 -5.96 -15.30 30.60
C LEU A 266 -7.26 -14.69 31.00
N ASP A 267 -7.54 -14.67 32.31
CA ASP A 267 -8.81 -14.16 32.88
C ASP A 267 -8.77 -12.65 33.19
N ILE A 268 -8.83 -11.86 32.12
CA ILE A 268 -8.70 -10.44 32.21
C ILE A 268 -10.08 -9.80 32.34
N ASP A 269 -10.17 -8.81 33.23
CA ASP A 269 -11.34 -7.93 33.39
C ASP A 269 -11.71 -7.25 32.08
N GLU A 270 -13.01 -7.17 31.84
CA GLU A 270 -13.63 -6.63 30.61
C GLU A 270 -13.45 -7.52 29.36
N PHE A 271 -12.99 -8.75 29.55
CA PHE A 271 -12.94 -9.76 28.51
C PHE A 271 -13.91 -10.85 28.96
N PRO A 272 -14.64 -11.48 28.03
CA PRO A 272 -14.44 -11.32 26.58
C PRO A 272 -15.08 -10.09 25.94
N ILE A 273 -14.48 -9.60 24.86
CA ILE A 273 -15.15 -8.70 23.93
C ILE A 273 -16.26 -9.49 23.27
N LYS A 274 -17.48 -9.12 23.55
CA LYS A 274 -18.65 -9.85 23.07
C LYS A 274 -19.06 -9.49 21.62
N ARG A 275 -18.81 -10.41 20.69
CA ARG A 275 -19.30 -10.31 19.31
C ARG A 275 -20.22 -11.48 19.12
N ARG A 276 -20.93 -11.55 18.01
CA ARG A 276 -21.71 -12.74 17.71
C ARG A 276 -21.83 -12.96 16.21
N TRP A 277 -22.38 -14.09 15.84
CA TRP A 277 -22.62 -14.45 14.46
C TRP A 277 -24.10 -14.39 14.17
N TYR A 278 -24.43 -13.87 13.00
CA TYR A 278 -25.80 -13.76 12.53
C TYR A 278 -25.96 -14.70 11.34
N VAL A 279 -27.12 -15.34 11.27
CA VAL A 279 -27.55 -16.06 10.07
C VAL A 279 -28.55 -15.18 9.29
N ALA A 280 -28.50 -15.20 7.97
CA ALA A 280 -29.29 -14.27 7.14
C ALA A 280 -29.92 -14.86 5.86
N ASN A 281 -31.24 -14.67 5.68
CA ASN A 281 -31.97 -14.82 4.39
C ASN A 281 -31.87 -13.50 3.64
N LEU A 282 -32.70 -13.35 2.60
CA LEU A 282 -32.51 -12.23 1.70
C LEU A 282 -33.86 -11.67 1.30
N ALA A 283 -34.12 -10.42 1.71
CA ALA A 283 -35.23 -9.59 1.19
C ALA A 283 -36.54 -10.37 1.04
N GLY A 284 -37.01 -10.94 2.15
CA GLY A 284 -38.24 -11.78 2.19
C GLY A 284 -38.50 -12.77 1.05
N LYS A 285 -37.45 -13.45 0.57
CA LYS A 285 -37.58 -14.50 -0.43
C LYS A 285 -37.69 -15.85 0.26
N GLN A 286 -38.70 -16.64 -0.10
CA GLN A 286 -39.04 -17.86 0.64
C GLN A 286 -37.93 -18.93 0.59
N LEU A 287 -37.92 -19.79 1.61
CA LEU A 287 -36.84 -20.74 1.81
C LEU A 287 -37.27 -22.15 1.47
N SER A 288 -36.42 -22.92 0.84
CA SER A 288 -36.70 -24.34 0.57
C SER A 288 -36.91 -25.10 1.86
N VAL A 289 -37.38 -26.33 1.71
CA VAL A 289 -37.59 -27.25 2.82
C VAL A 289 -36.25 -27.61 3.42
N ILE A 290 -35.26 -27.71 2.53
CA ILE A 290 -33.85 -27.97 2.92
C ILE A 290 -33.31 -26.78 3.77
N THR A 291 -33.33 -25.60 3.17
CA THR A 291 -32.88 -24.40 3.83
C THR A 291 -33.52 -24.26 5.25
N GLN A 292 -34.81 -24.55 5.37
CA GLN A 292 -35.50 -24.44 6.66
C GLN A 292 -35.16 -25.62 7.58
N THR A 293 -34.94 -26.80 7.00
CA THR A 293 -34.60 -27.97 7.84
C THR A 293 -33.20 -27.69 8.42
N PHE A 294 -32.33 -27.09 7.63
CA PHE A 294 -31.00 -26.71 8.12
C PHE A 294 -31.05 -25.54 9.12
N LEU A 295 -31.83 -24.51 8.82
CA LEU A 295 -31.91 -23.34 9.70
C LEU A 295 -32.38 -23.70 11.12
N ASP A 296 -33.30 -24.66 11.20
CA ASP A 296 -33.83 -25.14 12.46
C ASP A 296 -32.75 -25.93 13.19
N TYR A 297 -31.93 -26.62 12.39
CA TYR A 297 -30.83 -27.42 12.90
C TYR A 297 -29.80 -26.49 13.57
N LEU A 298 -29.37 -25.50 12.77
CA LEU A 298 -28.41 -24.52 13.21
C LEU A 298 -28.82 -23.92 14.57
N MET A 299 -30.07 -23.47 14.61
CA MET A 299 -30.62 -22.84 15.79
C MET A 299 -30.67 -23.71 17.02
N ALA A 300 -31.02 -24.97 16.85
CA ALA A 300 -30.99 -25.97 17.94
C ALA A 300 -29.56 -26.24 18.47
N VAL A 301 -28.66 -26.69 17.59
CA VAL A 301 -27.33 -27.13 18.02
C VAL A 301 -26.52 -26.01 18.65
N THR A 302 -26.69 -24.80 18.15
CA THR A 302 -25.92 -23.66 18.65
C THR A 302 -26.53 -22.98 19.88
N LYS A 303 -27.81 -23.23 20.15
CA LYS A 303 -28.58 -22.57 21.24
C LYS A 303 -27.75 -22.38 22.54
N ASN A 304 -27.22 -23.49 23.03
CA ASN A 304 -26.40 -23.50 24.21
C ASN A 304 -25.05 -24.20 23.99
N MET A 305 -24.34 -23.78 22.95
CA MET A 305 -23.05 -24.38 22.60
C MET A 305 -21.91 -23.62 23.31
N PRO A 306 -21.09 -24.34 24.11
CA PRO A 306 -20.06 -23.63 24.86
C PRO A 306 -18.89 -23.35 23.92
N ALA A 307 -18.21 -22.23 24.14
CA ALA A 307 -16.98 -21.96 23.45
C ALA A 307 -15.91 -22.97 23.87
N PRO A 308 -14.96 -23.30 22.95
CA PRO A 308 -13.78 -24.12 23.28
C PRO A 308 -12.93 -23.59 24.46
N PHE A 309 -12.27 -24.51 25.16
CA PHE A 309 -11.50 -24.24 26.41
C PHE A 309 -12.39 -23.68 27.54
N ALA A 310 -13.59 -24.23 27.68
CA ALA A 310 -14.46 -23.93 28.82
C ALA A 310 -13.93 -24.55 30.13
N HIS B 7 37.03 4.61 15.02
CA HIS B 7 35.80 5.40 15.21
C HIS B 7 35.34 6.05 13.86
N HIS B 8 34.33 6.92 13.95
CA HIS B 8 33.65 7.57 12.82
C HIS B 8 34.10 8.99 12.49
N MET B 9 35.01 9.53 13.30
CA MET B 9 35.57 10.85 13.03
C MET B 9 36.43 10.78 11.78
N GLN B 10 36.90 9.58 11.42
CA GLN B 10 37.51 9.32 10.12
C GLN B 10 36.68 9.80 8.88
N ALA B 11 35.36 9.83 8.98
CA ALA B 11 34.52 10.32 7.91
C ALA B 11 34.70 11.80 7.60
N THR B 12 34.27 12.19 6.42
CA THR B 12 34.49 13.48 5.85
C THR B 12 33.18 14.11 5.53
N LEU B 13 33.12 15.42 5.53
CA LEU B 13 31.87 16.11 5.30
C LEU B 13 31.54 16.07 3.84
N HIS B 14 32.52 16.22 3.00
CA HIS B 14 32.32 15.97 1.58
C HIS B 14 31.72 14.56 1.27
N GLN B 15 32.29 13.50 1.87
CA GLN B 15 31.73 12.17 1.82
C GLN B 15 30.25 12.15 2.18
N LEU B 16 29.92 12.70 3.34
CA LEU B 16 28.52 12.72 3.78
C LEU B 16 27.62 13.47 2.78
N LYS B 17 28.15 14.52 2.20
CA LYS B 17 27.40 15.34 1.25
C LYS B 17 27.13 14.56 -0.08
N VAL B 18 28.10 13.74 -0.49
CA VAL B 18 28.00 12.86 -1.69
C VAL B 18 26.96 11.74 -1.44
N PHE B 19 27.17 10.96 -0.38
CA PHE B 19 26.16 10.05 0.15
C PHE B 19 24.69 10.54 0.19
N GLU B 20 24.45 11.60 0.93
CA GLU B 20 23.12 12.18 1.06
C GLU B 20 22.54 12.56 -0.30
N ALA B 21 23.38 13.00 -1.22
CA ALA B 21 22.83 13.32 -2.53
C ALA B 21 22.50 12.06 -3.29
N THR B 22 23.28 11.01 -3.06
CA THR B 22 23.02 9.73 -3.76
C THR B 22 21.74 9.07 -3.26
N ALA B 23 21.61 9.03 -1.95
CA ALA B 23 20.42 8.49 -1.33
C ALA B 23 19.20 9.26 -1.79
N ARG B 24 19.29 10.57 -1.70
CA ARG B 24 18.21 11.45 -2.12
C ARG B 24 17.83 11.21 -3.56
N HIS B 25 18.80 11.09 -4.45
CA HIS B 25 18.49 10.93 -5.91
C HIS B 25 18.19 9.53 -6.35
N GLY B 26 18.59 8.54 -5.55
CA GLY B 26 18.56 7.13 -5.95
C GLY B 26 19.51 6.71 -7.06
N SER B 27 20.68 7.32 -7.13
CA SER B 27 21.48 7.33 -8.37
C SER B 27 22.81 8.01 -8.20
N PHE B 28 23.86 7.30 -8.56
CA PHE B 28 25.20 7.86 -8.51
C PHE B 28 25.31 8.91 -9.63
N THR B 29 24.63 8.73 -10.76
CA THR B 29 24.84 9.64 -11.88
C THR B 29 24.13 10.92 -11.59
N ARG B 30 22.89 10.86 -11.17
CA ARG B 30 22.13 12.07 -10.89
C ARG B 30 22.76 12.90 -9.75
N ALA B 31 23.39 12.19 -8.79
CA ALA B 31 24.12 12.80 -7.67
C ALA B 31 25.37 13.48 -8.18
N ALA B 32 26.09 12.77 -9.03
CA ALA B 32 27.27 13.31 -9.65
C ALA B 32 26.95 14.60 -10.43
N GLU B 33 25.88 14.63 -11.21
CA GLU B 33 25.50 15.88 -11.91
C GLU B 33 25.21 17.03 -10.93
N GLU B 34 24.53 16.77 -9.82
CA GLU B 34 24.19 17.80 -8.86
C GLU B 34 25.43 18.41 -8.18
N LEU B 35 26.33 17.53 -7.76
CA LEU B 35 27.59 17.94 -7.12
C LEU B 35 28.73 18.43 -8.06
N TYR B 36 28.40 18.63 -9.34
CA TYR B 36 29.38 19.03 -10.33
C TYR B 36 30.70 18.16 -10.35
N ILE B 37 30.55 16.84 -10.38
CA ILE B 37 31.67 15.89 -10.32
C ILE B 37 31.37 14.68 -11.20
N THR B 38 32.19 13.65 -11.00
CA THR B 38 32.19 12.50 -11.87
C THR B 38 31.54 11.33 -11.17
N GLN B 39 30.73 10.57 -11.93
CA GLN B 39 30.14 9.28 -11.46
C GLN B 39 31.19 8.30 -10.81
N PRO B 40 32.38 8.14 -11.43
CA PRO B 40 33.42 7.37 -10.71
C PRO B 40 33.88 7.90 -9.42
N THR B 41 33.80 9.22 -9.22
CA THR B 41 34.26 9.85 -7.97
C THR B 41 33.23 9.71 -6.84
N VAL B 42 31.95 9.85 -7.23
CA VAL B 42 30.81 9.56 -6.36
C VAL B 42 31.02 8.14 -5.85
N SER B 43 31.12 7.20 -6.80
CA SER B 43 31.34 5.76 -6.48
C SER B 43 32.52 5.59 -5.57
N SER B 44 33.62 6.23 -5.93
CA SER B 44 34.82 6.15 -5.13
C SER B 44 34.56 6.61 -3.70
N GLN B 45 33.99 7.80 -3.58
CA GLN B 45 33.82 8.46 -2.28
C GLN B 45 32.85 7.70 -1.38
N ILE B 46 31.82 7.07 -1.97
CA ILE B 46 30.86 6.22 -1.23
C ILE B 46 31.50 4.95 -0.64
N LYS B 47 32.28 4.25 -1.46
CA LYS B 47 32.96 3.06 -0.96
C LYS B 47 34.00 3.45 0.12
N GLN B 48 34.68 4.57 -0.08
CA GLN B 48 35.61 5.04 0.91
C GLN B 48 34.83 5.26 2.22
N LEU B 49 33.65 5.85 2.12
CA LEU B 49 32.79 6.03 3.29
C LEU B 49 32.28 4.71 3.87
N SER B 50 31.88 3.77 2.99
CA SER B 50 31.38 2.46 3.41
C SER B 50 32.39 1.68 4.28
N LYS B 51 33.64 1.62 3.85
CA LYS B 51 34.70 1.02 4.69
C LYS B 51 34.75 1.69 6.02
N THR B 52 34.82 3.00 6.03
CA THR B 52 34.88 3.71 7.29
C THR B 52 33.71 3.32 8.22
N VAL B 53 32.52 3.18 7.67
CA VAL B 53 31.37 2.87 8.53
C VAL B 53 31.48 1.47 9.15
N GLY B 54 31.85 0.53 8.31
CA GLY B 54 31.92 -0.89 8.66
C GLY B 54 30.74 -1.70 8.12
N LEU B 55 29.90 -1.08 7.31
CA LEU B 55 28.73 -1.73 6.74
C LEU B 55 28.42 -1.12 5.41
N PRO B 56 27.82 -1.90 4.52
CA PRO B 56 27.32 -1.35 3.26
C PRO B 56 26.18 -0.38 3.46
N LEU B 57 26.19 0.69 2.67
CA LEU B 57 25.20 1.76 2.76
C LEU B 57 24.18 1.66 1.65
N PHE B 58 24.58 1.11 0.53
CA PHE B 58 23.65 0.78 -0.54
C PHE B 58 23.76 -0.72 -0.91
N GLU B 59 22.76 -1.23 -1.64
CA GLU B 59 22.87 -2.54 -2.30
C GLU B 59 22.19 -2.43 -3.62
N GLN B 60 22.83 -3.04 -4.62
CA GLN B 60 22.35 -2.98 -5.96
C GLN B 60 21.75 -4.33 -6.32
N ILE B 61 20.47 -4.36 -6.65
CA ILE B 61 19.81 -5.52 -7.17
C ILE B 61 19.29 -5.14 -8.57
N GLY B 62 19.74 -5.89 -9.58
CA GLY B 62 19.47 -5.54 -10.97
C GLY B 62 19.96 -4.13 -11.25
N LYS B 63 19.06 -3.27 -11.76
CA LYS B 63 19.34 -1.88 -12.05
C LYS B 63 18.78 -0.97 -10.95
N ARG B 64 18.28 -1.58 -9.87
CA ARG B 64 17.70 -0.81 -8.76
C ARG B 64 18.73 -0.65 -7.64
N LEU B 65 18.81 0.57 -7.13
CA LEU B 65 19.70 0.93 -6.04
C LEU B 65 18.88 1.07 -4.77
N TYR B 66 19.15 0.26 -3.76
CA TYR B 66 18.41 0.33 -2.52
C TYR B 66 19.36 0.79 -1.45
N LEU B 67 18.81 1.52 -0.51
CA LEU B 67 19.52 1.93 0.67
C LEU B 67 19.39 0.80 1.69
N THR B 68 20.48 0.39 2.33
CA THR B 68 20.48 -0.61 3.41
C THR B 68 19.96 0.05 4.71
N GLU B 69 19.94 -0.76 5.77
CA GLU B 69 19.53 -0.32 7.07
C GLU B 69 20.53 0.67 7.62
N ALA B 70 21.81 0.46 7.35
CA ALA B 70 22.86 1.35 7.84
C ALA B 70 22.82 2.69 7.06
N GLY B 71 22.70 2.58 5.75
CA GLY B 71 22.35 3.73 4.87
C GLY B 71 21.21 4.63 5.32
N GLN B 72 20.15 4.03 5.81
CA GLN B 72 18.94 4.74 6.13
C GLN B 72 19.20 5.52 7.40
N GLU B 73 19.92 4.86 8.30
CA GLU B 73 20.34 5.47 9.56
C GLU B 73 21.34 6.58 9.33
N LEU B 74 22.29 6.35 8.42
CA LEU B 74 23.25 7.35 8.12
C LEU B 74 22.59 8.57 7.48
N LEU B 75 21.58 8.32 6.66
CA LEU B 75 20.89 9.40 5.96
C LEU B 75 20.27 10.38 6.98
N VAL B 76 19.63 9.82 7.99
CA VAL B 76 18.96 10.62 9.00
C VAL B 76 20.05 11.44 9.73
N THR B 77 21.19 10.77 10.04
CA THR B 77 22.33 11.40 10.70
C THR B 77 22.88 12.58 9.89
N CYS B 78 23.08 12.36 8.58
CA CYS B 78 23.50 13.44 7.66
C CYS B 78 22.49 14.63 7.64
N GLN B 79 21.22 14.35 7.57
CA GLN B 79 20.23 15.40 7.52
C GLN B 79 20.23 16.20 8.83
N ASP B 80 20.36 15.54 9.99
CA ASP B 80 20.40 16.25 11.30
C ASP B 80 21.64 17.20 11.31
N ILE B 81 22.81 16.60 11.05
CA ILE B 81 24.06 17.35 10.96
C ILE B 81 24.00 18.55 10.04
N PHE B 82 23.52 18.36 8.83
CA PHE B 82 23.40 19.50 7.88
C PHE B 82 22.44 20.58 8.37
N GLN B 83 21.32 20.18 9.00
CA GLN B 83 20.41 21.15 9.63
C GLN B 83 21.16 22.03 10.68
N ARG B 84 21.97 21.40 11.52
CA ARG B 84 22.68 22.08 12.58
C ARG B 84 23.68 23.07 12.04
N LEU B 85 24.39 22.68 11.00
CA LEU B 85 25.24 23.60 10.28
C LEU B 85 24.47 24.76 9.67
N ASP B 86 23.34 24.49 9.04
CA ASP B 86 22.50 25.59 8.50
C ASP B 86 22.00 26.51 9.63
N ASN B 87 21.72 25.93 10.80
CA ASN B 87 21.28 26.75 11.92
C ASN B 87 22.38 27.64 12.44
N PHE B 88 23.59 27.09 12.49
CA PHE B 88 24.75 27.86 12.88
C PHE B 88 24.91 29.01 11.91
N ALA B 89 24.91 28.74 10.61
CA ALA B 89 24.99 29.84 9.61
C ALA B 89 23.94 30.95 9.72
N MET B 90 22.76 30.64 10.24
CA MET B 90 21.75 31.66 10.45
C MET B 90 22.07 32.54 11.67
N LYS B 91 22.47 31.94 12.80
CA LYS B 91 22.92 32.73 14.00
C LYS B 91 24.04 33.66 13.60
N VAL B 92 24.93 33.19 12.73
CA VAL B 92 26.04 33.99 12.26
C VAL B 92 25.56 35.22 11.47
N ALA B 93 24.75 34.98 10.46
CA ALA B 93 24.11 36.06 9.71
C ALA B 93 23.28 36.99 10.59
N ASP B 94 22.68 36.47 11.66
CA ASP B 94 21.97 37.33 12.67
C ASP B 94 22.89 38.24 13.48
N ILE B 95 23.95 37.68 14.05
CA ILE B 95 25.00 38.44 14.74
C ILE B 95 25.54 39.57 13.84
N LYS B 96 26.05 39.16 12.69
CA LYS B 96 26.67 40.03 11.68
C LYS B 96 25.69 41.01 11.04
N GLY B 97 24.39 40.72 11.07
CA GLY B 97 23.37 41.65 10.60
C GLY B 97 22.81 42.51 11.71
N THR B 98 23.41 42.40 12.89
CA THR B 98 23.08 43.18 14.07
C THR B 98 21.53 43.25 14.30
N LYS B 99 20.92 42.08 14.15
CA LYS B 99 19.49 41.93 14.17
C LYS B 99 18.97 41.89 15.60
N GLN B 100 17.72 42.33 15.75
CA GLN B 100 16.98 42.30 17.02
C GLN B 100 16.73 40.88 17.57
N GLY B 101 16.69 39.88 16.70
CA GLY B 101 16.28 38.50 17.04
C GLY B 101 15.43 37.83 15.94
N ARG B 102 14.99 36.61 16.25
CA ARG B 102 14.40 35.71 15.29
C ARG B 102 13.17 35.08 15.88
N LEU B 103 12.06 35.17 15.13
CA LEU B 103 10.80 34.44 15.39
C LEU B 103 10.77 33.09 14.68
N ARG B 104 10.66 31.99 15.44
CA ARG B 104 10.49 30.62 14.89
C ARG B 104 9.00 30.17 14.90
N LEU B 105 8.49 29.75 13.78
CA LEU B 105 7.07 29.54 13.59
C LEU B 105 6.83 28.24 12.77
N ALA B 106 6.00 27.34 13.31
CA ALA B 106 5.66 26.08 12.65
C ALA B 106 4.18 25.98 12.53
N VAL B 107 3.71 25.72 11.32
CA VAL B 107 2.31 25.85 11.04
C VAL B 107 1.78 24.69 10.19
N ILE B 108 0.56 24.32 10.46
CA ILE B 108 -0.14 23.30 9.69
C ILE B 108 -0.26 23.68 8.21
N THR B 109 -0.17 22.65 7.35
CA THR B 109 -0.07 22.79 5.90
C THR B 109 -1.15 23.72 5.39
N THR B 110 -2.36 23.59 5.91
CA THR B 110 -3.45 24.36 5.37
C THR B 110 -3.32 25.88 5.69
N ALA B 111 -2.47 26.24 6.64
CA ALA B 111 -2.27 27.66 6.97
C ALA B 111 -1.32 28.44 6.01
N LYS B 112 -0.74 27.77 5.02
CA LYS B 112 0.03 28.49 4.00
C LYS B 112 -0.78 29.52 3.21
N TYR B 113 -2.11 29.45 3.29
CA TYR B 113 -2.97 30.32 2.55
C TYR B 113 -3.30 31.61 3.30
N PHE B 114 -2.74 31.79 4.51
CA PHE B 114 -2.76 33.15 5.15
C PHE B 114 -1.49 33.55 5.89
N ILE B 115 -0.84 32.61 6.60
CA ILE B 115 0.36 32.91 7.40
C ILE B 115 1.56 33.52 6.66
N PRO B 116 2.07 32.86 5.62
CA PRO B 116 3.14 33.50 4.87
C PRO B 116 2.84 34.95 4.36
N ARG B 117 1.64 35.27 3.84
CA ARG B 117 1.39 36.68 3.47
C ARG B 117 1.46 37.61 4.65
N LEU B 118 0.74 37.24 5.70
CA LEU B 118 0.68 37.98 6.96
C LEU B 118 2.04 38.18 7.58
N LEU B 119 2.84 37.12 7.50
CA LEU B 119 4.19 37.15 8.00
C LEU B 119 5.09 38.17 7.25
N GLY B 120 4.82 38.37 5.96
CA GLY B 120 5.55 39.36 5.15
C GLY B 120 5.25 40.74 5.67
N GLU B 121 3.96 40.96 5.91
CA GLU B 121 3.42 42.27 6.24
C GLU B 121 3.90 42.67 7.62
N PHE B 122 3.94 41.69 8.50
CA PHE B 122 4.55 41.81 9.81
C PHE B 122 6.03 42.25 9.74
N ILE B 123 6.80 41.54 8.95
CA ILE B 123 8.20 41.90 8.67
C ILE B 123 8.39 43.32 8.12
N GLN B 124 7.49 43.75 7.23
CA GLN B 124 7.51 45.12 6.74
C GLN B 124 7.30 46.07 7.90
N LYS B 125 6.41 45.71 8.82
CA LYS B 125 6.24 46.44 10.10
C LYS B 125 7.45 46.44 11.09
N TYR B 126 8.20 45.33 11.22
CA TYR B 126 9.34 45.23 12.15
C TYR B 126 10.62 44.82 11.43
N PRO B 127 11.37 45.77 10.90
CA PRO B 127 12.48 45.37 10.02
C PRO B 127 13.70 44.69 10.69
N GLY B 128 13.77 44.74 12.00
CA GLY B 128 14.86 44.06 12.70
C GLY B 128 14.64 42.59 12.99
N ILE B 129 13.43 42.12 12.79
CA ILE B 129 13.09 40.74 13.12
C ILE B 129 13.39 39.89 11.89
N GLU B 130 14.08 38.77 12.09
CA GLU B 130 14.12 37.65 11.14
C GLU B 130 13.08 36.63 11.52
N VAL B 131 12.68 35.79 10.55
CA VAL B 131 11.63 34.73 10.74
C VAL B 131 11.98 33.37 10.11
N SER B 132 11.61 32.28 10.77
CA SER B 132 11.68 30.94 10.19
C SER B 132 10.27 30.43 10.16
N LEU B 133 9.80 30.06 8.97
CA LEU B 133 8.47 29.50 8.78
C LEU B 133 8.58 28.06 8.32
N LYS B 134 8.23 27.12 9.21
CA LYS B 134 8.12 25.72 8.84
C LYS B 134 6.63 25.42 8.54
N VAL B 135 6.34 24.86 7.37
CA VAL B 135 5.00 24.50 7.02
C VAL B 135 4.92 23.03 6.89
N THR B 136 4.14 22.38 7.72
CA THR B 136 4.11 20.91 7.74
C THR B 136 2.81 20.29 8.33
N ASN B 137 2.77 18.97 8.39
CA ASN B 137 1.58 18.25 8.82
C ASN B 137 1.52 18.11 10.37
N HIS B 138 0.38 17.65 10.84
CA HIS B 138 0.08 17.59 12.26
C HIS B 138 1.11 16.78 13.12
N GLU B 139 1.40 15.54 12.70
CA GLU B 139 2.42 14.69 13.35
C GLU B 139 3.74 15.44 13.62
N GLN B 140 4.22 16.08 12.55
CA GLN B 140 5.51 16.73 12.55
C GLN B 140 5.50 17.98 13.45
N ILE B 141 4.34 18.62 13.57
CA ILE B 141 4.16 19.71 14.55
C ILE B 141 4.25 19.16 15.99
N ARG B 142 3.73 17.96 16.25
CA ARG B 142 3.97 17.31 17.55
C ARG B 142 5.45 17.04 17.89
N HIS B 143 6.20 16.41 17.00
CA HIS B 143 7.63 16.22 17.27
C HIS B 143 8.30 17.54 17.60
N ARG B 144 8.01 18.55 16.78
CA ARG B 144 8.62 19.87 16.94
C ARG B 144 8.26 20.49 18.28
N MET B 145 6.99 20.29 18.68
CA MET B 145 6.48 20.66 20.02
C MET B 145 7.22 20.00 21.18
N GLN B 146 7.49 18.71 21.05
CA GLN B 146 8.22 17.96 22.05
C GLN B 146 9.66 18.36 22.18
N ASN B 147 10.23 18.91 21.10
CA ASN B 147 11.63 19.34 21.07
C ASN B 147 11.83 20.86 21.30
N ASN B 148 10.78 21.55 21.77
CA ASN B 148 10.87 23.01 22.06
C ASN B 148 11.52 23.76 20.87
N GLU B 149 11.08 23.43 19.65
CA GLU B 149 11.78 23.88 18.44
C GLU B 149 11.39 25.28 18.03
N ASP B 150 10.14 25.63 18.32
CA ASP B 150 9.56 26.90 17.80
C ASP B 150 8.97 27.76 18.94
N ASP B 151 8.81 29.05 18.67
CA ASP B 151 8.16 29.96 19.60
C ASP B 151 6.61 29.79 19.65
N LEU B 152 5.99 29.54 18.51
CA LEU B 152 4.55 29.36 18.41
C LEU B 152 4.20 28.30 17.38
N TYR B 153 3.07 27.64 17.58
CA TYR B 153 2.60 26.60 16.73
C TYR B 153 1.15 26.94 16.29
N ILE B 154 0.84 26.81 15.01
CA ILE B 154 -0.50 27.04 14.53
C ILE B 154 -0.99 25.70 14.04
N VAL B 155 -2.15 25.23 14.56
CA VAL B 155 -2.65 23.85 14.30
C VAL B 155 -4.14 23.87 14.10
N SER B 156 -4.65 22.81 13.50
CA SER B 156 -6.11 22.71 13.26
C SER B 156 -6.82 22.08 14.46
N GLU B 157 -6.07 21.25 15.19
CA GLU B 157 -6.52 20.62 16.44
C GLU B 157 -5.32 20.53 17.41
N PRO B 158 -5.46 21.13 18.62
CA PRO B 158 -4.35 21.02 19.56
C PRO B 158 -4.14 19.59 20.10
N PRO B 159 -2.90 19.08 20.07
CA PRO B 159 -2.68 17.72 20.54
C PRO B 159 -2.87 17.58 22.06
N GLU B 160 -3.56 16.51 22.46
CA GLU B 160 -3.91 16.19 23.87
C GLU B 160 -2.71 15.75 24.72
N GLU B 161 -1.72 15.14 24.07
CA GLU B 161 -0.55 14.61 24.73
C GLU B 161 0.48 15.68 25.01
N ILE B 162 0.16 16.94 24.69
CA ILE B 162 1.10 18.03 24.96
C ILE B 162 0.42 19.11 25.80
N ASP B 163 1.14 19.54 26.85
CA ASP B 163 0.73 20.62 27.72
C ASP B 163 0.96 21.96 26.99
N LEU B 164 -0.17 22.57 26.61
CA LEU B 164 -0.21 23.78 25.79
C LEU B 164 -1.17 24.87 26.28
N ASN B 165 -0.68 26.11 26.37
CA ASN B 165 -1.53 27.29 26.27
C ASN B 165 -1.91 27.42 24.80
N TYR B 166 -3.20 27.56 24.52
CA TYR B 166 -3.66 27.81 23.16
C TYR B 166 -4.88 28.73 23.06
N GLN B 167 -5.21 29.13 21.83
CA GLN B 167 -6.44 29.86 21.56
C GLN B 167 -6.79 29.93 20.11
N PRO B 168 -8.07 29.78 19.80
CA PRO B 168 -8.54 29.95 18.42
C PRO B 168 -8.49 31.43 17.96
N PHE B 169 -8.26 31.64 16.66
CA PHE B 169 -8.09 32.99 16.12
C PHE B 169 -8.70 33.31 14.76
N LEU B 170 -8.97 32.25 13.97
CA LEU B 170 -9.51 32.38 12.62
C LEU B 170 -10.32 31.20 12.25
N ASP B 171 -11.48 31.43 11.62
CA ASP B 171 -12.36 30.35 11.16
C ASP B 171 -11.81 29.68 9.88
N ASN B 172 -12.07 28.36 9.78
CA ASN B 172 -11.70 27.52 8.62
C ASN B 172 -12.93 26.84 8.02
N PRO B 173 -13.73 27.60 7.29
CA PRO B 173 -14.87 27.06 6.56
C PRO B 173 -14.52 26.14 5.41
N LEU B 174 -14.97 24.90 5.45
CA LEU B 174 -14.88 24.04 4.30
C LEU B 174 -16.14 24.25 3.45
N VAL B 175 -15.97 24.49 2.15
CA VAL B 175 -17.08 24.82 1.25
C VAL B 175 -17.10 24.00 -0.05
N VAL B 176 -18.25 24.01 -0.71
CA VAL B 176 -18.44 23.28 -1.96
C VAL B 176 -18.04 24.22 -3.04
N ILE B 177 -17.10 23.78 -3.86
CA ILE B 177 -16.51 24.60 -4.90
C ILE B 177 -16.82 23.99 -6.28
N ALA B 178 -17.19 24.87 -7.20
CA ALA B 178 -17.59 24.44 -8.52
C ALA B 178 -17.12 25.44 -9.51
N ARG B 179 -17.23 25.04 -10.77
CA ARG B 179 -17.00 25.95 -11.87
C ARG B 179 -18.24 26.86 -12.01
N ARG B 180 -18.04 28.10 -12.44
CA ARG B 180 -19.14 29.11 -12.50
C ARG B 180 -20.27 28.87 -13.54
N ASP B 181 -20.00 28.06 -14.56
CA ASP B 181 -21.02 27.50 -15.46
C ASP B 181 -21.88 26.36 -14.89
N HIS B 182 -21.76 26.04 -13.61
CA HIS B 182 -22.54 24.93 -13.03
C HIS B 182 -24.00 25.34 -12.79
N PRO B 183 -24.97 24.47 -13.18
CA PRO B 183 -26.42 24.74 -13.00
C PRO B 183 -26.87 25.17 -11.62
N LEU B 184 -26.06 24.92 -10.59
CA LEU B 184 -26.30 25.45 -9.24
C LEU B 184 -25.57 26.78 -8.91
N ALA B 185 -24.88 27.41 -9.86
CA ALA B 185 -24.13 28.67 -9.58
C ALA B 185 -25.07 29.84 -9.50
N GLY B 186 -24.92 30.67 -8.46
CA GLY B 186 -25.75 31.86 -8.25
C GLY B 186 -27.04 31.61 -7.49
N LYS B 187 -27.26 30.40 -7.00
CA LYS B 187 -28.53 30.00 -6.34
C LYS B 187 -28.44 29.98 -4.83
N SER B 188 -29.50 30.45 -4.15
CA SER B 188 -29.57 30.52 -2.69
C SER B 188 -30.16 29.28 -2.02
N ASN B 189 -29.91 29.16 -0.73
CA ASN B 189 -30.59 28.20 0.16
C ASN B 189 -30.81 26.81 -0.46
N ILE B 190 -29.79 26.31 -1.16
CA ILE B 190 -29.88 25.06 -1.93
C ILE B 190 -29.92 23.84 -0.99
N PRO B 191 -30.91 22.93 -1.18
CA PRO B 191 -30.92 21.73 -0.35
C PRO B 191 -29.66 20.84 -0.51
N ILE B 192 -29.17 20.35 0.61
CA ILE B 192 -27.98 19.50 0.58
C ILE B 192 -28.13 18.30 -0.36
N THR B 193 -29.36 17.83 -0.55
CA THR B 193 -29.64 16.66 -1.39
C THR B 193 -29.44 16.91 -2.89
N ALA B 194 -29.26 18.17 -3.28
CA ALA B 194 -28.94 18.50 -4.70
C ALA B 194 -27.60 17.94 -5.21
N LEU B 195 -26.68 17.63 -4.29
CA LEU B 195 -25.36 17.16 -4.62
C LEU B 195 -25.33 15.74 -5.11
N ASN B 196 -26.28 14.92 -4.67
CA ASN B 196 -26.12 13.46 -4.85
C ASN B 196 -26.30 13.08 -6.30
N ASP B 197 -25.53 12.08 -6.73
CA ASP B 197 -25.36 11.79 -8.13
C ASP B 197 -24.79 13.04 -8.84
N GLU B 198 -23.56 13.39 -8.47
CA GLU B 198 -22.81 14.46 -9.14
C GLU B 198 -21.34 14.16 -9.07
N ALA B 199 -20.63 14.42 -10.18
CA ALA B 199 -19.18 14.21 -10.24
C ALA B 199 -18.47 14.96 -9.07
N PHE B 200 -17.56 14.25 -8.41
CA PHE B 200 -16.97 14.77 -7.19
C PHE B 200 -15.52 14.31 -7.04
N ILE B 201 -14.66 15.26 -6.65
CA ILE B 201 -13.26 14.97 -6.49
C ILE B 201 -13.06 14.83 -5.01
N MET B 202 -12.52 13.70 -4.59
CA MET B 202 -12.44 13.38 -3.18
C MET B 202 -10.96 13.48 -2.78
N ARG B 203 -10.71 13.88 -1.53
CA ARG B 203 -9.34 13.92 -1.00
C ARG B 203 -8.80 12.52 -0.75
N GLU B 204 -7.51 12.41 -0.43
CA GLU B 204 -6.86 11.12 -0.20
C GLU B 204 -7.38 10.44 1.07
N LYS B 205 -7.23 9.11 1.09
CA LYS B 205 -7.79 8.27 2.14
C LYS B 205 -7.16 8.59 3.50
N GLY B 206 -8.02 8.77 4.48
CA GLY B 206 -7.58 9.04 5.83
C GLY B 206 -7.01 10.42 5.89
N SER B 207 -7.82 11.40 5.54
CA SER B 207 -7.42 12.79 5.64
C SER B 207 -8.51 13.51 6.39
N GLY B 208 -8.14 14.63 6.98
CA GLY B 208 -9.07 15.38 7.80
C GLY B 208 -10.29 15.69 6.98
N THR B 209 -10.02 16.17 5.77
CA THR B 209 -11.03 16.71 4.88
C THR B 209 -11.98 15.59 4.35
N ARG B 210 -11.43 14.53 3.79
CA ARG B 210 -12.24 13.41 3.24
C ARG B 210 -13.16 12.79 4.29
N LEU B 211 -12.60 12.51 5.47
CA LEU B 211 -13.37 11.99 6.59
C LEU B 211 -14.52 12.96 6.91
N ALA B 212 -14.20 14.21 7.18
CA ALA B 212 -15.22 15.19 7.52
C ALA B 212 -16.30 15.45 6.45
N VAL B 213 -16.11 14.99 5.21
CA VAL B 213 -17.17 15.09 4.19
C VAL B 213 -17.87 13.76 3.89
N GLN B 214 -17.16 12.64 4.06
CA GLN B 214 -17.80 11.31 4.02
C GLN B 214 -18.81 11.22 5.17
N ASN B 215 -18.36 11.57 6.39
CA ASN B 215 -19.26 11.67 7.55
C ASN B 215 -20.50 12.54 7.25
N LEU B 216 -20.34 13.85 7.10
CA LEU B 216 -21.48 14.75 6.77
C LEU B 216 -22.32 14.35 5.54
N PHE B 217 -21.82 13.47 4.68
CA PHE B 217 -22.64 12.92 3.58
C PHE B 217 -23.50 11.72 4.00
N HIS B 218 -23.04 10.93 4.97
CA HIS B 218 -23.87 9.85 5.54
C HIS B 218 -24.71 10.30 6.75
N ARG B 219 -24.25 11.30 7.48
CA ARG B 219 -25.03 11.99 8.56
C ARG B 219 -26.12 13.01 8.04
N HIS B 220 -26.29 13.10 6.72
CA HIS B 220 -27.43 13.77 6.02
C HIS B 220 -27.88 12.96 4.75
N TYR B 221 -27.47 11.70 4.64
CA TYR B 221 -27.93 10.78 3.58
C TYR B 221 -27.74 11.31 2.14
N VAL B 222 -26.50 11.27 1.66
CA VAL B 222 -26.10 11.85 0.35
C VAL B 222 -25.10 10.89 -0.25
N ASP B 223 -25.38 10.42 -1.47
CA ASP B 223 -24.51 9.44 -2.16
C ASP B 223 -23.97 10.19 -3.35
N VAL B 224 -22.64 10.25 -3.48
CA VAL B 224 -21.99 11.05 -4.52
C VAL B 224 -21.14 10.16 -5.42
N ARG B 225 -21.01 10.57 -6.69
CA ARG B 225 -20.22 9.84 -7.67
C ARG B 225 -18.76 10.32 -7.72
N VAL B 226 -17.87 9.48 -7.18
CA VAL B 226 -16.48 9.84 -6.97
C VAL B 226 -15.82 9.61 -8.26
N ARG B 227 -15.37 10.68 -8.85
CA ARG B 227 -14.75 10.62 -10.17
C ARG B 227 -13.25 10.59 -10.08
N LEU B 228 -12.66 11.10 -8.99
CA LEU B 228 -11.17 11.18 -8.86
C LEU B 228 -10.68 11.25 -7.43
N GLU B 229 -9.41 10.91 -7.23
CA GLU B 229 -8.81 11.04 -5.92
C GLU B 229 -7.47 11.74 -5.99
N LEU B 230 -7.34 12.84 -5.25
CA LEU B 230 -6.14 13.69 -5.30
C LEU B 230 -5.80 14.15 -3.92
N GLY B 231 -4.51 14.23 -3.65
CA GLY B 231 -4.00 14.74 -2.39
C GLY B 231 -3.51 16.19 -2.41
N SER B 232 -3.68 16.86 -3.54
CA SER B 232 -3.25 18.22 -3.73
C SER B 232 -4.46 19.09 -3.88
N ASN B 233 -4.58 20.12 -3.05
CA ASN B 233 -5.65 21.11 -3.19
C ASN B 233 -5.58 21.83 -4.52
N GLU B 234 -4.38 22.27 -4.90
CA GLU B 234 -4.19 22.96 -6.20
C GLU B 234 -4.61 22.10 -7.38
N ALA B 235 -4.25 20.84 -7.34
CA ALA B 235 -4.67 19.91 -8.37
C ALA B 235 -6.18 19.77 -8.45
N ILE B 236 -6.83 19.69 -7.31
CA ILE B 236 -8.28 19.61 -7.30
C ILE B 236 -8.90 20.87 -7.97
N LYS B 237 -8.49 22.05 -7.53
CA LYS B 237 -8.95 23.28 -8.15
C LYS B 237 -8.74 23.25 -9.68
N GLN B 238 -7.55 22.84 -10.11
CA GLN B 238 -7.33 22.68 -11.54
C GLN B 238 -8.32 21.64 -12.15
N ALA B 239 -8.55 20.53 -11.47
CA ALA B 239 -9.51 19.56 -11.97
C ALA B 239 -10.90 20.17 -12.12
N ILE B 240 -11.31 21.03 -11.18
CA ILE B 240 -12.62 21.67 -11.25
C ILE B 240 -12.69 22.62 -12.47
N ALA B 241 -11.61 23.34 -12.75
CA ALA B 241 -11.56 24.29 -13.86
C ALA B 241 -11.72 23.56 -15.17
N GLY B 242 -11.15 22.36 -15.26
CA GLY B 242 -11.29 21.51 -16.45
C GLY B 242 -12.64 20.80 -16.57
N GLY B 243 -13.53 21.00 -15.60
CA GLY B 243 -14.90 20.46 -15.67
C GLY B 243 -15.07 19.05 -15.13
N MET B 244 -14.05 18.53 -14.47
CA MET B 244 -14.04 17.18 -13.91
C MET B 244 -15.16 16.95 -12.91
N GLY B 245 -15.49 17.98 -12.15
CA GLY B 245 -16.54 17.86 -11.16
C GLY B 245 -16.43 18.95 -10.13
N ILE B 246 -17.03 18.72 -8.97
CA ILE B 246 -16.96 19.58 -7.79
C ILE B 246 -16.20 18.88 -6.63
N SER B 247 -15.96 19.65 -5.56
CA SER B 247 -15.25 19.15 -4.42
C SER B 247 -15.43 20.04 -3.20
N VAL B 248 -14.94 19.54 -2.05
CA VAL B 248 -15.00 20.30 -0.82
C VAL B 248 -13.58 20.57 -0.42
N LEU B 249 -13.30 21.86 -0.23
CA LEU B 249 -12.01 22.37 0.15
C LEU B 249 -12.19 23.49 1.13
N SER B 250 -11.14 23.70 1.93
CA SER B 250 -11.04 24.87 2.77
C SER B 250 -11.19 26.08 1.88
N GLN B 251 -12.08 26.97 2.27
CA GLN B 251 -12.31 28.20 1.55
C GLN B 251 -11.04 28.99 1.35
N HIS B 252 -10.09 28.84 2.27
CA HIS B 252 -8.87 29.61 2.16
C HIS B 252 -7.98 29.23 0.95
N THR B 253 -8.22 28.05 0.36
CA THR B 253 -7.48 27.68 -0.82
C THR B 253 -7.83 28.63 -1.98
N LEU B 254 -8.88 29.43 -1.85
CA LEU B 254 -9.30 30.34 -2.93
C LEU B 254 -8.54 31.65 -2.94
N VAL B 255 -7.69 31.85 -1.96
CA VAL B 255 -6.92 33.07 -1.87
C VAL B 255 -5.96 33.20 -3.08
N SER B 256 -5.49 32.08 -3.62
CA SER B 256 -4.54 32.09 -4.74
C SER B 256 -5.24 32.01 -6.10
N GLU B 257 -6.52 32.19 -6.10
CA GLU B 257 -7.30 32.11 -7.31
C GLU B 257 -7.44 33.56 -7.87
N GLY B 258 -6.61 33.87 -8.86
CA GLY B 258 -6.55 35.19 -9.51
C GLY B 258 -7.74 35.52 -10.37
N ALA B 259 -7.60 36.56 -11.18
CA ALA B 259 -8.75 37.15 -11.88
C ALA B 259 -9.25 36.29 -13.05
N ARG B 260 -8.39 35.42 -13.58
CA ARG B 260 -8.81 34.41 -14.60
C ARG B 260 -9.55 33.17 -14.05
N SER B 261 -9.69 33.07 -12.72
CA SER B 261 -10.42 31.97 -12.07
C SER B 261 -11.83 31.85 -12.63
N GLU B 262 -12.20 30.60 -12.98
CA GLU B 262 -13.57 30.23 -13.32
C GLU B 262 -14.26 29.46 -12.21
N LEU B 263 -13.91 29.72 -10.94
CA LEU B 263 -14.41 28.98 -9.79
C LEU B 263 -15.48 29.76 -9.05
N THR B 264 -16.32 29.05 -8.28
CA THR B 264 -17.31 29.69 -7.40
C THR B 264 -17.63 28.80 -6.21
N ILE B 265 -18.23 29.37 -5.17
CA ILE B 265 -18.74 28.59 -4.05
C ILE B 265 -20.25 28.42 -4.26
N LEU B 266 -20.73 27.19 -4.12
CA LEU B 266 -22.14 26.88 -4.15
C LEU B 266 -22.73 27.01 -2.75
N ASP B 267 -23.83 27.76 -2.58
CA ASP B 267 -24.50 27.87 -1.26
C ASP B 267 -25.40 26.67 -1.07
N ILE B 268 -24.79 25.58 -0.64
CA ILE B 268 -25.47 24.38 -0.30
C ILE B 268 -25.80 24.49 1.19
N ASP B 269 -26.96 23.95 1.55
CA ASP B 269 -27.44 23.90 2.92
C ASP B 269 -26.53 22.97 3.70
N GLU B 270 -26.35 23.32 4.97
CA GLU B 270 -25.55 22.58 5.97
C GLU B 270 -24.05 22.70 5.72
N PHE B 271 -23.67 23.66 4.87
CA PHE B 271 -22.31 24.07 4.59
C PHE B 271 -22.31 25.59 4.85
N PRO B 272 -21.23 26.14 5.42
CA PRO B 272 -19.91 25.47 5.54
C PRO B 272 -19.76 24.48 6.68
N ILE B 273 -18.94 23.46 6.45
CA ILE B 273 -18.40 22.66 7.53
C ILE B 273 -17.45 23.59 8.24
N LYS B 274 -17.48 23.57 9.56
CA LYS B 274 -16.78 24.59 10.33
C LYS B 274 -15.58 23.93 11.04
N ARG B 275 -14.41 24.54 10.84
CA ARG B 275 -13.15 24.14 11.48
C ARG B 275 -12.42 25.41 11.94
N ARG B 276 -11.40 25.22 12.74
CA ARG B 276 -10.68 26.37 13.28
C ARG B 276 -9.14 26.19 13.24
N TRP B 277 -8.43 27.33 13.36
CA TRP B 277 -7.00 27.36 13.58
C TRP B 277 -6.71 27.88 14.98
N TYR B 278 -5.69 27.35 15.62
CA TYR B 278 -5.34 27.68 16.97
C TYR B 278 -3.90 28.08 16.95
N VAL B 279 -3.58 29.12 17.69
CA VAL B 279 -2.20 29.44 17.98
C VAL B 279 -1.89 28.85 19.37
N ALA B 280 -0.78 28.17 19.53
CA ALA B 280 -0.40 27.45 20.74
C ALA B 280 1.05 27.67 21.12
N ASN B 281 1.36 27.69 22.41
CA ASN B 281 2.74 27.60 22.90
C ASN B 281 2.81 26.53 23.98
N LEU B 282 4.02 26.17 24.38
CA LEU B 282 4.18 25.20 25.48
C LEU B 282 3.71 25.85 26.76
N ALA B 283 2.94 25.08 27.57
CA ALA B 283 2.20 25.63 28.76
C ALA B 283 3.14 26.20 29.81
N GLY B 284 2.76 27.39 30.33
CA GLY B 284 3.58 28.17 31.26
C GLY B 284 4.75 28.98 30.69
N LYS B 285 5.30 28.54 29.54
CA LYS B 285 6.55 29.08 28.94
C LYS B 285 6.40 30.52 28.40
N GLN B 286 7.18 31.42 28.99
CA GLN B 286 7.16 32.84 28.70
C GLN B 286 7.37 33.11 27.20
N LEU B 287 6.65 34.09 26.68
CA LEU B 287 6.76 34.49 25.29
C LEU B 287 7.83 35.54 25.23
N SER B 288 8.79 35.41 24.31
CA SER B 288 9.67 36.53 24.00
C SER B 288 8.95 37.81 23.64
N VAL B 289 9.69 38.89 23.75
CA VAL B 289 9.21 40.19 23.31
C VAL B 289 8.75 40.04 21.83
N ILE B 290 9.55 39.32 21.02
CA ILE B 290 9.31 39.18 19.58
C ILE B 290 8.07 38.34 19.31
N THR B 291 8.02 37.16 19.93
CA THR B 291 6.85 36.30 19.92
C THR B 291 5.55 37.09 20.21
N GLN B 292 5.59 37.82 21.33
CA GLN B 292 4.50 38.60 21.86
C GLN B 292 4.05 39.60 20.83
N THR B 293 5.00 40.38 20.32
CA THR B 293 4.72 41.35 19.23
C THR B 293 4.01 40.74 18.01
N PHE B 294 4.45 39.54 17.64
CA PHE B 294 3.81 38.77 16.57
C PHE B 294 2.41 38.30 16.98
N LEU B 295 2.32 37.57 18.09
CA LEU B 295 1.04 37.16 18.63
C LEU B 295 -0.04 38.28 18.65
N ASP B 296 0.35 39.48 19.06
CA ASP B 296 -0.54 40.64 19.06
C ASP B 296 -0.98 41.02 17.64
N TYR B 297 0.02 41.08 16.75
CA TYR B 297 -0.20 41.35 15.30
C TYR B 297 -1.12 40.29 14.67
N LEU B 298 -0.87 39.03 15.01
CA LEU B 298 -1.69 37.94 14.53
C LEU B 298 -3.17 38.21 14.88
N MET B 299 -3.41 38.37 16.18
CA MET B 299 -4.77 38.45 16.72
C MET B 299 -5.57 39.63 16.12
N ALA B 300 -4.93 40.81 16.12
CA ALA B 300 -5.50 42.02 15.45
C ALA B 300 -5.94 41.79 13.99
N VAL B 301 -5.00 41.26 13.21
CA VAL B 301 -5.14 41.10 11.78
C VAL B 301 -6.18 40.04 11.43
N THR B 302 -6.22 38.94 12.20
CA THR B 302 -7.19 37.88 11.98
C THR B 302 -8.56 38.13 12.61
N LYS B 303 -8.62 39.00 13.62
CA LYS B 303 -9.83 39.17 14.40
C LYS B 303 -11.05 39.25 13.50
N ASN B 304 -11.05 40.22 12.59
CA ASN B 304 -12.16 40.43 11.66
C ASN B 304 -11.75 40.10 10.19
N MET B 305 -10.91 39.08 9.99
CA MET B 305 -10.42 38.70 8.63
C MET B 305 -11.50 37.89 7.90
N PRO B 306 -12.06 38.46 6.81
CA PRO B 306 -13.05 37.73 6.02
C PRO B 306 -12.40 36.63 5.17
N ALA B 307 -13.01 35.44 5.08
CA ALA B 307 -12.49 34.37 4.18
C ALA B 307 -12.68 34.80 2.69
N PRO B 308 -11.81 34.32 1.74
CA PRO B 308 -11.91 34.73 0.31
C PRO B 308 -13.22 34.33 -0.39
N PHE B 309 -13.67 35.12 -1.39
CA PHE B 309 -14.92 34.87 -2.16
C PHE B 309 -16.20 34.97 -1.31
N HIS C 8 -15.78 -33.05 -16.48
CA HIS C 8 -16.64 -32.20 -17.37
C HIS C 8 -16.04 -30.93 -18.03
N MET C 9 -14.75 -30.74 -17.87
CA MET C 9 -14.05 -29.73 -18.61
C MET C 9 -13.67 -30.29 -19.99
N GLN C 10 -13.75 -31.62 -20.18
CA GLN C 10 -13.45 -32.26 -21.48
C GLN C 10 -14.44 -31.90 -22.58
N ALA C 11 -15.60 -31.42 -22.21
CA ALA C 11 -16.50 -30.87 -23.21
C ALA C 11 -15.83 -29.70 -23.94
N THR C 12 -16.20 -29.54 -25.18
CA THR C 12 -15.73 -28.44 -26.00
C THR C 12 -16.81 -27.35 -26.08
N LEU C 13 -16.40 -26.14 -26.41
CA LEU C 13 -17.33 -25.05 -26.68
C LEU C 13 -18.17 -25.33 -27.90
N HIS C 14 -17.52 -25.79 -28.96
CA HIS C 14 -18.20 -26.24 -30.16
C HIS C 14 -19.31 -27.31 -29.88
N GLN C 15 -19.02 -28.31 -29.08
CA GLN C 15 -20.03 -29.26 -28.66
C GLN C 15 -21.23 -28.64 -27.89
N LEU C 16 -20.96 -27.63 -27.08
CA LEU C 16 -22.04 -26.88 -26.42
C LEU C 16 -22.85 -26.09 -27.44
N LYS C 17 -22.16 -25.44 -28.36
CA LYS C 17 -22.79 -24.66 -29.42
C LYS C 17 -23.72 -25.55 -30.27
N VAL C 18 -23.32 -26.79 -30.52
CA VAL C 18 -24.12 -27.75 -31.30
C VAL C 18 -25.33 -28.12 -30.48
N PHE C 19 -25.07 -28.57 -29.24
CA PHE C 19 -26.12 -28.93 -28.31
C PHE C 19 -27.26 -27.90 -28.15
N GLU C 20 -26.91 -26.66 -27.94
CA GLU C 20 -27.84 -25.58 -27.73
C GLU C 20 -28.66 -25.35 -29.01
N ALA C 21 -28.04 -25.49 -30.17
CA ALA C 21 -28.76 -25.29 -31.40
C ALA C 21 -29.73 -26.46 -31.59
N THR C 22 -29.26 -27.66 -31.23
CA THR C 22 -30.02 -28.86 -31.43
C THR C 22 -31.23 -28.88 -30.47
N ALA C 23 -31.10 -28.23 -29.34
CA ALA C 23 -32.20 -28.14 -28.40
C ALA C 23 -33.19 -27.07 -28.83
N ARG C 24 -32.71 -25.96 -29.41
CA ARG C 24 -33.54 -24.83 -29.79
C ARG C 24 -34.47 -25.30 -30.85
N HIS C 25 -33.88 -25.74 -31.95
CA HIS C 25 -34.60 -26.50 -32.98
C HIS C 25 -34.87 -27.80 -32.36
N GLY C 26 -35.67 -28.66 -32.91
CA GLY C 26 -35.76 -29.97 -32.21
C GLY C 26 -35.03 -31.13 -32.85
N SER C 27 -34.05 -30.86 -33.71
CA SER C 27 -33.50 -31.90 -34.57
C SER C 27 -32.05 -31.67 -34.89
N PHE C 28 -31.31 -32.76 -35.04
CA PHE C 28 -29.91 -32.66 -35.48
C PHE C 28 -29.79 -31.87 -36.81
N THR C 29 -30.71 -32.06 -37.75
CA THR C 29 -30.57 -31.52 -39.08
C THR C 29 -30.75 -30.03 -39.15
N ARG C 30 -31.74 -29.49 -38.43
CA ARG C 30 -31.96 -28.04 -38.39
C ARG C 30 -30.76 -27.27 -37.79
N ALA C 31 -30.12 -27.94 -36.83
CA ALA C 31 -28.93 -27.46 -36.13
C ALA C 31 -27.75 -27.42 -37.10
N ALA C 32 -27.46 -28.55 -37.72
CA ALA C 32 -26.48 -28.60 -38.83
C ALA C 32 -26.64 -27.43 -39.83
N GLU C 33 -27.85 -27.19 -40.30
CA GLU C 33 -28.04 -26.10 -41.24
C GLU C 33 -27.67 -24.75 -40.65
N GLU C 34 -27.97 -24.54 -39.37
CA GLU C 34 -27.61 -23.24 -38.73
C GLU C 34 -26.10 -23.05 -38.58
N LEU C 35 -25.41 -24.11 -38.16
CA LEU C 35 -23.98 -24.12 -37.97
C LEU C 35 -23.16 -24.56 -39.21
N TYR C 36 -23.77 -24.52 -40.39
CA TYR C 36 -23.08 -24.82 -41.65
C TYR C 36 -22.13 -25.97 -41.49
N ILE C 37 -22.65 -27.07 -40.99
CA ILE C 37 -21.93 -28.33 -40.85
C ILE C 37 -22.87 -29.47 -41.27
N THR C 38 -22.40 -30.70 -41.11
CA THR C 38 -23.10 -31.85 -41.63
C THR C 38 -23.89 -32.48 -40.49
N GLN C 39 -25.10 -32.98 -40.79
CA GLN C 39 -25.97 -33.68 -39.80
C GLN C 39 -25.31 -34.88 -39.07
N PRO C 40 -24.47 -35.66 -39.78
CA PRO C 40 -23.77 -36.70 -39.03
C PRO C 40 -22.64 -36.17 -38.11
N THR C 41 -21.99 -35.04 -38.45
CA THR C 41 -21.05 -34.40 -37.50
C THR C 41 -21.81 -34.00 -36.20
N VAL C 42 -22.97 -33.34 -36.35
CA VAL C 42 -23.86 -33.00 -35.22
C VAL C 42 -24.17 -34.20 -34.32
N SER C 43 -24.61 -35.31 -34.94
CA SER C 43 -24.98 -36.53 -34.18
C SER C 43 -23.85 -37.12 -33.35
N SER C 44 -22.64 -37.09 -33.89
CA SER C 44 -21.50 -37.68 -33.19
C SER C 44 -21.09 -36.70 -32.10
N GLN C 45 -21.06 -35.40 -32.44
CA GLN C 45 -20.81 -34.34 -31.45
C GLN C 45 -21.72 -34.47 -30.19
N ILE C 46 -22.99 -34.79 -30.42
CA ILE C 46 -23.94 -34.98 -29.34
C ILE C 46 -23.70 -36.29 -28.59
N LYS C 47 -23.33 -37.35 -29.29
CA LYS C 47 -23.01 -38.62 -28.63
C LYS C 47 -21.78 -38.42 -27.76
N GLN C 48 -20.77 -37.72 -28.29
CA GLN C 48 -19.53 -37.46 -27.54
C GLN C 48 -19.95 -36.66 -26.28
N LEU C 49 -20.60 -35.50 -26.50
CA LEU C 49 -21.09 -34.70 -25.38
C LEU C 49 -21.90 -35.44 -24.34
N SER C 50 -22.79 -36.35 -24.73
CA SER C 50 -23.56 -37.17 -23.75
C SER C 50 -22.70 -38.17 -22.98
N LYS C 51 -21.79 -38.83 -23.68
CA LYS C 51 -20.72 -39.65 -23.06
C LYS C 51 -19.94 -38.85 -21.94
N THR C 52 -19.45 -37.63 -22.27
CA THR C 52 -18.83 -36.71 -21.30
C THR C 52 -19.77 -36.41 -20.12
N VAL C 53 -20.98 -35.93 -20.40
CA VAL C 53 -21.92 -35.57 -19.34
C VAL C 53 -22.16 -36.77 -18.42
N GLY C 54 -22.24 -37.95 -19.04
CA GLY C 54 -22.62 -39.18 -18.34
C GLY C 54 -24.10 -39.51 -18.40
N LEU C 55 -24.91 -38.71 -19.09
CA LEU C 55 -26.36 -38.97 -19.15
C LEU C 55 -26.90 -38.60 -20.50
N PRO C 56 -28.04 -39.23 -20.87
CA PRO C 56 -28.82 -38.79 -22.05
C PRO C 56 -29.29 -37.35 -21.93
N LEU C 57 -29.07 -36.59 -23.00
CA LEU C 57 -29.51 -35.24 -23.07
C LEU C 57 -30.86 -35.10 -23.73
N PHE C 58 -31.17 -35.99 -24.67
CA PHE C 58 -32.40 -35.94 -25.45
C PHE C 58 -33.19 -37.24 -25.43
N GLU C 59 -34.49 -37.11 -25.69
CA GLU C 59 -35.41 -38.24 -26.00
C GLU C 59 -36.24 -37.85 -27.23
N GLN C 60 -36.24 -38.70 -28.26
CA GLN C 60 -37.09 -38.47 -29.41
C GLN C 60 -38.50 -38.77 -29.02
N ILE C 61 -39.44 -37.85 -29.21
CA ILE C 61 -40.87 -38.11 -29.01
C ILE C 61 -41.67 -37.49 -30.17
N GLY C 62 -42.47 -38.33 -30.83
CA GLY C 62 -42.99 -38.04 -32.14
C GLY C 62 -41.86 -37.58 -33.08
N LYS C 63 -42.06 -36.44 -33.72
CA LYS C 63 -41.12 -35.92 -34.69
C LYS C 63 -39.97 -35.05 -34.06
N ARG C 64 -39.88 -34.93 -32.74
CA ARG C 64 -38.97 -33.96 -32.09
C ARG C 64 -38.10 -34.51 -30.93
N LEU C 65 -36.92 -33.93 -30.77
CA LEU C 65 -36.02 -34.19 -29.64
C LEU C 65 -36.38 -33.27 -28.46
N TYR C 66 -36.75 -33.87 -27.36
CA TYR C 66 -37.11 -33.12 -26.17
C TYR C 66 -35.94 -33.29 -25.21
N LEU C 67 -35.70 -32.28 -24.36
CA LEU C 67 -34.60 -32.32 -23.37
C LEU C 67 -34.90 -33.21 -22.18
N THR C 68 -33.94 -34.02 -21.74
CA THR C 68 -34.11 -34.70 -20.42
C THR C 68 -33.90 -33.68 -19.31
N GLU C 69 -34.01 -34.13 -18.06
CA GLU C 69 -33.63 -33.27 -16.89
C GLU C 69 -32.17 -32.75 -17.00
N ALA C 70 -31.24 -33.67 -17.26
CA ALA C 70 -29.84 -33.27 -17.45
C ALA C 70 -29.67 -32.32 -18.64
N GLY C 71 -30.44 -32.49 -19.69
CA GLY C 71 -30.38 -31.60 -20.87
C GLY C 71 -30.95 -30.23 -20.61
N GLN C 72 -31.95 -30.14 -19.75
CA GLN C 72 -32.56 -28.84 -19.46
C GLN C 72 -31.54 -27.96 -18.70
N GLU C 73 -30.85 -28.61 -17.76
CA GLU C 73 -29.84 -27.97 -16.96
C GLU C 73 -28.67 -27.52 -17.81
N LEU C 74 -28.17 -28.41 -18.64
CA LEU C 74 -27.12 -28.04 -19.56
C LEU C 74 -27.54 -26.90 -20.52
N LEU C 75 -28.83 -26.77 -20.82
CA LEU C 75 -29.24 -25.74 -21.75
C LEU C 75 -29.03 -24.38 -21.13
N VAL C 76 -29.40 -24.24 -19.86
CA VAL C 76 -29.27 -22.91 -19.19
C VAL C 76 -27.82 -22.65 -18.80
N THR C 77 -27.09 -23.72 -18.48
CA THR C 77 -25.62 -23.68 -18.39
C THR C 77 -25.03 -23.12 -19.69
N CYS C 78 -25.47 -23.62 -20.84
CA CYS C 78 -24.95 -23.12 -22.11
C CYS C 78 -25.36 -21.69 -22.36
N GLN C 79 -26.56 -21.32 -21.92
CA GLN C 79 -27.06 -19.95 -22.16
C GLN C 79 -26.31 -18.94 -21.32
N ASP C 80 -26.06 -19.29 -20.06
CA ASP C 80 -25.23 -18.46 -19.16
C ASP C 80 -23.80 -18.23 -19.66
N ILE C 81 -23.16 -19.32 -20.09
CA ILE C 81 -21.83 -19.25 -20.66
C ILE C 81 -21.82 -18.39 -21.90
N PHE C 82 -22.73 -18.64 -22.83
CA PHE C 82 -22.68 -17.82 -24.05
C PHE C 82 -23.00 -16.35 -23.72
N GLN C 83 -23.85 -16.11 -22.71
CA GLN C 83 -24.18 -14.74 -22.28
C GLN C 83 -22.91 -14.04 -21.80
N ARG C 84 -22.12 -14.77 -21.02
CA ARG C 84 -20.93 -14.23 -20.43
C ARG C 84 -19.91 -13.87 -21.50
N LEU C 85 -19.74 -14.72 -22.51
CA LEU C 85 -18.81 -14.40 -23.61
C LEU C 85 -19.28 -13.19 -24.37
N ASP C 86 -20.57 -13.07 -24.60
CA ASP C 86 -21.08 -11.90 -25.32
C ASP C 86 -20.74 -10.62 -24.57
N ASN C 87 -21.00 -10.67 -23.26
CA ASN C 87 -20.75 -9.56 -22.36
C ASN C 87 -19.30 -9.12 -22.48
N PHE C 88 -18.42 -10.09 -22.53
CA PHE C 88 -17.04 -9.78 -22.62
C PHE C 88 -16.75 -9.15 -23.96
N ALA C 89 -17.31 -9.72 -25.00
CA ALA C 89 -17.25 -9.11 -26.34
C ALA C 89 -17.77 -7.66 -26.43
N MET C 90 -18.82 -7.35 -25.67
CA MET C 90 -19.29 -5.96 -25.58
C MET C 90 -18.21 -5.08 -24.95
N LYS C 91 -17.69 -5.47 -23.77
CA LYS C 91 -16.55 -4.75 -23.11
C LYS C 91 -15.46 -4.44 -24.12
N VAL C 92 -14.99 -5.46 -24.84
CA VAL C 92 -13.86 -5.32 -25.76
C VAL C 92 -14.16 -4.33 -26.89
N ALA C 93 -15.41 -4.30 -27.28
CA ALA C 93 -15.87 -3.43 -28.34
C ALA C 93 -15.96 -1.98 -27.86
N ASP C 94 -16.54 -1.79 -26.67
CA ASP C 94 -16.55 -0.47 -26.00
C ASP C 94 -15.12 0.07 -25.73
N ILE C 95 -14.22 -0.81 -25.29
CA ILE C 95 -12.84 -0.43 -25.07
C ILE C 95 -12.29 0.12 -26.37
N LYS C 96 -12.45 -0.64 -27.45
CA LYS C 96 -11.90 -0.25 -28.77
C LYS C 96 -12.49 1.07 -29.36
N GLY C 97 -13.74 1.36 -29.05
CA GLY C 97 -14.35 2.61 -29.46
C GLY C 97 -14.40 3.61 -28.33
N THR C 98 -13.38 3.57 -27.47
CA THR C 98 -13.15 4.53 -26.37
C THR C 98 -14.40 4.97 -25.64
N LYS C 99 -15.27 4.01 -25.38
CA LYS C 99 -16.51 4.22 -24.62
C LYS C 99 -16.52 3.52 -23.27
N GLN C 100 -15.51 2.69 -23.06
CA GLN C 100 -15.17 2.19 -21.72
C GLN C 100 -13.65 1.96 -21.61
N GLY C 101 -13.22 1.81 -20.35
CA GLY C 101 -11.79 1.60 -19.96
C GLY C 101 -11.21 2.53 -18.88
N ARG C 102 -9.91 2.32 -18.59
CA ARG C 102 -9.23 3.03 -17.48
C ARG C 102 -7.98 3.69 -17.95
N LEU C 103 -7.77 4.93 -17.50
CA LEU C 103 -6.53 5.70 -17.78
C LEU C 103 -5.88 6.05 -16.46
N ARG C 104 -4.62 5.66 -16.31
CA ARG C 104 -3.86 5.86 -15.07
C ARG C 104 -2.63 6.72 -15.35
N LEU C 105 -2.60 7.92 -14.74
CA LEU C 105 -1.46 8.84 -14.89
C LEU C 105 -0.80 9.10 -13.54
N ALA C 106 0.51 8.98 -13.52
CA ALA C 106 1.31 9.49 -12.43
C ALA C 106 2.13 10.68 -12.96
N VAL C 107 2.11 11.79 -12.24
CA VAL C 107 2.59 13.06 -12.75
C VAL C 107 3.39 13.74 -11.67
N ILE C 108 4.60 14.15 -11.99
CA ILE C 108 5.41 15.04 -11.10
C ILE C 108 4.67 16.33 -10.59
N THR C 109 5.03 16.75 -9.39
CA THR C 109 4.25 17.77 -8.70
C THR C 109 4.03 19.03 -9.48
N THR C 110 5.06 19.53 -10.14
CA THR C 110 4.96 20.82 -10.87
C THR C 110 3.87 20.80 -11.97
N ALA C 111 3.47 19.62 -12.42
CA ALA C 111 2.46 19.47 -13.46
C ALA C 111 1.05 19.49 -12.99
N LYS C 112 0.86 19.63 -11.68
CA LYS C 112 -0.49 19.85 -11.15
C LYS C 112 -1.14 21.08 -11.74
N TYR C 113 -0.36 22.08 -12.17
CA TYR C 113 -0.97 23.33 -12.64
C TYR C 113 -1.61 23.26 -14.06
N PHE C 114 -1.35 22.17 -14.82
CA PHE C 114 -2.08 21.96 -16.11
C PHE C 114 -2.75 20.58 -16.25
N ILE C 115 -2.01 19.52 -16.00
CA ILE C 115 -2.56 18.16 -16.17
C ILE C 115 -3.99 17.91 -15.68
N PRO C 116 -4.30 18.20 -14.43
CA PRO C 116 -5.68 17.95 -14.04
C PRO C 116 -6.67 18.69 -14.92
N ARG C 117 -6.37 19.91 -15.32
CA ARG C 117 -7.34 20.67 -16.12
C ARG C 117 -7.49 20.01 -17.49
N LEU C 118 -6.38 19.70 -18.15
CA LEU C 118 -6.46 18.94 -19.42
C LEU C 118 -7.26 17.67 -19.30
N LEU C 119 -7.02 16.96 -18.21
CA LEU C 119 -7.58 15.68 -18.00
C LEU C 119 -9.06 15.78 -17.80
N GLY C 120 -9.51 16.84 -17.16
CA GLY C 120 -10.98 17.08 -16.97
C GLY C 120 -11.67 17.49 -18.28
N GLU C 121 -10.94 18.16 -19.19
CA GLU C 121 -11.45 18.46 -20.53
C GLU C 121 -11.68 17.16 -21.33
N PHE C 122 -10.63 16.34 -21.40
CA PHE C 122 -10.64 15.03 -22.03
C PHE C 122 -11.80 14.07 -21.58
N ILE C 123 -12.19 14.12 -20.33
CA ILE C 123 -13.24 13.25 -19.84
C ILE C 123 -14.61 13.69 -20.24
N GLN C 124 -14.84 14.98 -20.37
CA GLN C 124 -16.09 15.46 -20.94
C GLN C 124 -16.26 14.92 -22.36
N LYS C 125 -15.18 15.03 -23.15
CA LYS C 125 -15.01 14.45 -24.49
C LYS C 125 -14.99 12.85 -24.58
N TYR C 126 -14.83 12.13 -23.45
CA TYR C 126 -14.89 10.66 -23.37
C TYR C 126 -15.40 10.19 -22.01
N PRO C 127 -16.67 10.43 -21.74
CA PRO C 127 -17.30 10.24 -20.41
C PRO C 127 -17.25 8.84 -19.83
N GLY C 128 -17.26 7.84 -20.69
CA GLY C 128 -17.22 6.46 -20.22
C GLY C 128 -15.92 6.06 -19.49
N ILE C 129 -14.81 6.71 -19.84
CA ILE C 129 -13.49 6.46 -19.23
C ILE C 129 -13.51 6.75 -17.73
N GLU C 130 -12.79 5.93 -16.97
CA GLU C 130 -12.59 6.19 -15.56
C GLU C 130 -11.10 6.53 -15.42
N VAL C 131 -10.78 7.50 -14.56
CA VAL C 131 -9.43 8.00 -14.44
C VAL C 131 -8.90 7.88 -13.06
N SER C 132 -7.60 7.63 -13.03
CA SER C 132 -6.82 7.82 -11.84
C SER C 132 -5.69 8.84 -12.13
N LEU C 133 -5.49 9.76 -11.19
CA LEU C 133 -4.37 10.70 -11.30
C LEU C 133 -3.56 10.69 -10.02
N LYS C 134 -2.32 10.32 -10.10
CA LYS C 134 -1.44 10.43 -8.92
C LYS C 134 -0.48 11.57 -9.12
N VAL C 135 -0.45 12.50 -8.17
CA VAL C 135 0.44 13.66 -8.21
C VAL C 135 1.47 13.55 -7.10
N THR C 136 2.71 13.26 -7.46
CA THR C 136 3.76 13.03 -6.48
C THR C 136 5.21 13.50 -6.88
N ASN C 137 6.21 12.97 -6.17
CA ASN C 137 7.62 13.32 -6.38
C ASN C 137 8.33 12.27 -7.26
N HIS C 138 9.60 12.53 -7.60
CA HIS C 138 10.37 11.64 -8.49
C HIS C 138 10.57 10.25 -7.90
N GLU C 139 10.81 10.14 -6.58
CA GLU C 139 11.06 8.82 -5.95
C GLU C 139 9.80 7.92 -6.05
N GLN C 140 8.63 8.46 -5.71
CA GLN C 140 7.38 7.71 -5.85
C GLN C 140 7.25 7.21 -7.29
N ILE C 141 7.39 8.12 -8.25
CA ILE C 141 7.23 7.81 -9.64
C ILE C 141 8.13 6.70 -10.10
N ARG C 142 9.40 6.76 -9.77
CA ARG C 142 10.35 5.64 -10.02
C ARG C 142 9.84 4.29 -9.53
N HIS C 143 9.23 4.28 -8.34
CA HIS C 143 8.77 3.04 -7.76
C HIS C 143 7.62 2.42 -8.55
N ARG C 144 6.59 3.25 -8.79
CA ARG C 144 5.47 2.96 -9.71
C ARG C 144 5.90 2.50 -11.09
N MET C 145 6.93 3.12 -11.67
CA MET C 145 7.50 2.67 -12.94
C MET C 145 8.07 1.29 -12.80
N GLN C 146 8.71 1.00 -11.67
CA GLN C 146 9.35 -0.31 -11.49
C GLN C 146 8.32 -1.45 -11.44
N ASN C 147 7.13 -1.10 -10.98
CA ASN C 147 5.99 -1.99 -10.83
C ASN C 147 4.88 -1.84 -11.87
N ASN C 148 5.16 -1.11 -12.97
CA ASN C 148 4.22 -0.98 -14.06
C ASN C 148 2.86 -0.55 -13.60
N GLU C 149 2.76 0.39 -12.63
CA GLU C 149 1.46 0.84 -12.04
C GLU C 149 0.59 1.75 -12.90
N ASP C 150 1.16 2.49 -13.86
CA ASP C 150 0.34 3.43 -14.61
C ASP C 150 0.54 3.24 -16.09
N ASP C 151 -0.33 3.88 -16.86
CA ASP C 151 -0.20 3.88 -18.33
C ASP C 151 0.90 4.82 -18.79
N LEU C 152 0.76 6.09 -18.42
CA LEU C 152 1.76 7.13 -18.75
C LEU C 152 2.29 7.84 -17.50
N TYR C 153 3.53 8.31 -17.60
CA TYR C 153 4.22 9.05 -16.55
C TYR C 153 4.68 10.35 -17.14
N ILE C 154 4.36 11.45 -16.46
CA ILE C 154 4.88 12.78 -16.76
C ILE C 154 5.91 13.20 -15.74
N VAL C 155 7.11 13.43 -16.24
CA VAL C 155 8.22 13.81 -15.44
C VAL C 155 8.97 15.01 -16.05
N SER C 156 9.98 15.49 -15.33
CA SER C 156 10.88 16.55 -15.71
C SER C 156 12.26 16.04 -16.07
N GLU C 157 12.62 14.89 -15.50
CA GLU C 157 13.96 14.32 -15.71
C GLU C 157 13.79 12.79 -15.77
N PRO C 158 13.74 12.23 -17.00
CA PRO C 158 13.54 10.78 -17.14
C PRO C 158 14.64 9.93 -16.52
N PRO C 159 14.34 9.07 -15.55
CA PRO C 159 15.40 8.34 -14.87
C PRO C 159 16.14 7.38 -15.78
N GLU C 160 17.44 7.60 -15.88
CA GLU C 160 18.35 6.83 -16.70
C GLU C 160 18.24 5.32 -16.49
N GLU C 161 17.90 4.85 -15.28
CA GLU C 161 18.01 3.41 -14.91
C GLU C 161 16.76 2.61 -15.15
N ILE C 162 15.80 3.21 -15.82
CA ILE C 162 14.55 2.55 -16.19
C ILE C 162 14.35 2.69 -17.71
N ASP C 163 14.11 1.57 -18.41
CA ASP C 163 13.93 1.59 -19.86
C ASP C 163 12.62 2.30 -20.10
N LEU C 164 12.68 3.48 -20.71
CA LEU C 164 11.51 4.27 -21.00
C LEU C 164 11.44 4.65 -22.46
N ASN C 165 10.22 4.75 -22.97
CA ASN C 165 9.92 5.47 -24.23
C ASN C 165 9.37 6.83 -23.85
N TYR C 166 10.12 7.86 -24.18
CA TYR C 166 9.63 9.21 -23.94
C TYR C 166 9.94 10.32 -24.98
N GLN C 167 9.28 11.45 -24.80
CA GLN C 167 9.56 12.65 -25.59
C GLN C 167 9.09 13.90 -24.85
N PRO C 168 9.73 15.06 -25.10
CA PRO C 168 9.23 16.32 -24.52
C PRO C 168 7.94 16.72 -25.14
N PHE C 169 7.09 17.40 -24.37
CA PHE C 169 5.83 17.95 -24.89
C PHE C 169 5.44 19.38 -24.45
N LEU C 170 6.17 19.98 -23.50
CA LEU C 170 5.77 21.30 -22.94
C LEU C 170 6.88 21.90 -22.15
N ASP C 171 7.11 23.19 -22.37
CA ASP C 171 8.25 23.87 -21.78
C ASP C 171 7.82 24.32 -20.43
N ASN C 172 8.76 24.34 -19.50
CA ASN C 172 8.54 24.71 -18.09
C ASN C 172 9.54 25.85 -17.77
N PRO C 173 9.17 27.08 -18.13
CA PRO C 173 10.05 28.20 -17.77
C PRO C 173 9.92 28.60 -16.27
N LEU C 174 11.09 28.73 -15.60
CA LEU C 174 11.24 29.32 -14.30
C LEU C 174 11.58 30.79 -14.42
N VAL C 175 10.80 31.63 -13.78
CA VAL C 175 10.84 33.06 -14.00
C VAL C 175 10.85 33.78 -12.67
N VAL C 176 11.37 35.00 -12.71
CA VAL C 176 11.57 35.83 -11.56
C VAL C 176 10.23 36.51 -11.30
N ILE C 177 9.69 36.28 -10.07
CA ILE C 177 8.36 36.72 -9.68
C ILE C 177 8.49 37.69 -8.53
N ALA C 178 7.74 38.78 -8.68
CA ALA C 178 7.74 39.92 -7.74
C ALA C 178 6.36 40.44 -7.45
N ARG C 179 6.26 41.36 -6.49
CA ARG C 179 4.99 42.06 -6.29
C ARG C 179 4.84 43.23 -7.28
N ARG C 180 3.62 43.66 -7.54
CA ARG C 180 3.37 44.58 -8.66
C ARG C 180 4.07 45.92 -8.53
N ASP C 181 4.35 46.32 -7.29
CA ASP C 181 5.01 47.60 -6.96
C ASP C 181 6.53 47.59 -6.85
N HIS C 182 7.15 46.46 -7.18
CA HIS C 182 8.61 46.36 -7.11
C HIS C 182 9.19 47.42 -8.11
N PRO C 183 10.34 48.04 -7.76
CA PRO C 183 10.98 49.05 -8.63
C PRO C 183 11.20 48.64 -10.12
N LEU C 184 11.67 47.40 -10.28
CA LEU C 184 11.97 46.81 -11.61
C LEU C 184 10.75 46.40 -12.42
N ALA C 185 9.59 46.38 -11.78
CA ALA C 185 8.38 46.01 -12.46
C ALA C 185 8.15 46.89 -13.71
N GLY C 186 7.80 46.25 -14.83
CA GLY C 186 7.61 46.92 -16.12
C GLY C 186 8.89 47.23 -16.88
N LYS C 187 10.02 47.41 -16.19
CA LYS C 187 11.29 47.64 -16.83
C LYS C 187 11.66 46.42 -17.65
N SER C 188 12.50 46.69 -18.63
CA SER C 188 12.83 45.78 -19.70
C SER C 188 14.30 45.52 -19.70
N ASN C 189 14.67 44.45 -20.36
CA ASN C 189 16.10 44.04 -20.52
C ASN C 189 17.04 44.27 -19.28
N ILE C 190 16.51 43.92 -18.12
CA ILE C 190 17.14 44.21 -16.86
C ILE C 190 18.33 43.27 -16.66
N PRO C 191 19.55 43.82 -16.49
CA PRO C 191 20.73 42.95 -16.22
C PRO C 191 20.53 42.08 -15.03
N ILE C 192 21.13 40.91 -15.05
CA ILE C 192 20.98 39.97 -13.96
C ILE C 192 21.66 40.43 -12.72
N THR C 193 22.63 41.33 -12.82
CA THR C 193 23.30 41.81 -11.59
C THR C 193 22.32 42.59 -10.70
N ALA C 194 21.21 43.11 -11.28
CA ALA C 194 20.21 43.88 -10.53
C ALA C 194 19.63 43.12 -9.29
N LEU C 195 19.71 41.77 -9.33
CA LEU C 195 19.30 40.89 -8.21
C LEU C 195 20.21 40.96 -7.00
N ASN C 196 21.38 41.54 -7.15
CA ASN C 196 22.23 41.73 -6.01
C ASN C 196 21.49 42.52 -4.90
N ASP C 197 21.55 41.93 -3.71
CA ASP C 197 20.99 42.52 -2.49
C ASP C 197 19.49 42.47 -2.35
N GLU C 198 18.82 41.73 -3.24
CA GLU C 198 17.37 41.65 -3.26
C GLU C 198 16.90 40.58 -2.27
N ALA C 199 15.88 40.93 -1.47
CA ALA C 199 15.16 40.02 -0.61
C ALA C 199 14.65 38.87 -1.47
N PHE C 200 15.02 37.66 -1.08
CA PHE C 200 14.76 36.51 -1.93
C PHE C 200 14.16 35.37 -1.11
N ILE C 201 13.16 34.70 -1.66
CA ILE C 201 12.51 33.55 -1.00
C ILE C 201 12.96 32.30 -1.74
N MET C 202 13.70 31.46 -1.02
CA MET C 202 14.37 30.31 -1.62
C MET C 202 13.51 29.07 -1.43
N ARG C 203 13.51 28.17 -2.39
CA ARG C 203 12.85 26.87 -2.21
C ARG C 203 13.68 26.02 -1.29
N GLU C 204 13.13 24.91 -0.79
CA GLU C 204 13.87 24.04 0.18
C GLU C 204 15.14 23.42 -0.41
N LYS C 205 16.11 23.11 0.46
CA LYS C 205 17.37 22.47 0.01
C LYS C 205 17.07 21.17 -0.70
N GLY C 206 17.82 20.91 -1.75
CA GLY C 206 17.66 19.66 -2.51
C GLY C 206 16.53 19.66 -3.53
N SER C 207 15.72 20.71 -3.54
CA SER C 207 14.75 20.92 -4.62
C SER C 207 15.41 21.16 -6.01
N GLY C 208 14.73 20.72 -7.06
CA GLY C 208 15.23 20.95 -8.40
C GLY C 208 15.36 22.44 -8.64
N THR C 209 14.23 23.12 -8.45
CA THR C 209 14.14 24.57 -8.56
C THR C 209 15.31 25.24 -7.78
N ARG C 210 15.51 24.88 -6.51
CA ARG C 210 16.57 25.50 -5.73
C ARG C 210 17.90 25.39 -6.43
N LEU C 211 18.26 24.15 -6.71
CA LEU C 211 19.53 23.84 -7.31
C LEU C 211 19.79 24.62 -8.63
N ALA C 212 18.81 24.67 -9.52
CA ALA C 212 18.91 25.47 -10.76
C ALA C 212 19.09 26.95 -10.55
N VAL C 213 18.34 27.50 -9.58
CA VAL C 213 18.41 28.92 -9.23
C VAL C 213 19.81 29.23 -8.72
N GLN C 214 20.34 28.36 -7.85
CA GLN C 214 21.66 28.60 -7.23
C GLN C 214 22.77 28.48 -8.26
N ASN C 215 22.66 27.51 -9.16
CA ASN C 215 23.67 27.31 -10.19
C ASN C 215 23.75 28.54 -11.05
N LEU C 216 22.62 29.02 -11.55
CA LEU C 216 22.59 30.27 -12.37
C LEU C 216 23.15 31.48 -11.65
N PHE C 217 22.89 31.56 -10.36
CA PHE C 217 23.41 32.66 -9.52
C PHE C 217 24.93 32.54 -9.24
N HIS C 218 25.48 31.33 -9.14
CA HIS C 218 26.93 31.14 -8.96
C HIS C 218 27.73 31.55 -10.24
N ARG C 219 27.12 31.26 -11.39
CA ARG C 219 27.73 31.47 -12.68
C ARG C 219 27.88 32.95 -12.97
N HIS C 220 26.86 33.72 -12.63
CA HIS C 220 26.88 35.15 -12.87
C HIS C 220 27.20 35.98 -11.58
N TYR C 221 27.93 35.41 -10.61
CA TYR C 221 28.41 36.20 -9.47
C TYR C 221 27.33 37.03 -8.73
N VAL C 222 26.04 36.61 -8.76
CA VAL C 222 24.93 37.34 -8.07
C VAL C 222 24.68 36.84 -6.63
N ASP C 223 24.59 37.80 -5.73
CA ASP C 223 24.47 37.56 -4.32
C ASP C 223 23.15 38.22 -3.83
N VAL C 224 22.19 37.36 -3.49
CA VAL C 224 20.85 37.79 -3.02
C VAL C 224 20.73 37.68 -1.47
N ARG C 225 19.84 38.48 -0.87
CA ARG C 225 19.57 38.33 0.55
C ARG C 225 18.42 37.37 0.68
N VAL C 226 18.70 36.14 1.14
CA VAL C 226 17.66 35.14 1.42
C VAL C 226 16.93 35.58 2.70
N ARG C 227 15.68 36.03 2.55
CA ARG C 227 14.81 36.46 3.67
C ARG C 227 14.08 35.29 4.36
N LEU C 228 13.99 34.17 3.65
CA LEU C 228 13.10 33.08 3.97
C LEU C 228 13.35 31.85 3.09
N GLU C 229 13.02 30.70 3.62
CA GLU C 229 13.11 29.45 2.91
C GLU C 229 11.79 28.65 3.07
N LEU C 230 11.09 28.35 1.99
CA LEU C 230 9.85 27.56 2.07
C LEU C 230 9.82 26.35 1.11
N GLY C 231 8.90 25.43 1.37
CA GLY C 231 8.80 24.17 0.58
C GLY C 231 7.58 24.13 -0.32
N SER C 232 6.89 25.25 -0.45
CA SER C 232 5.55 25.29 -0.99
C SER C 232 5.44 26.50 -1.91
N ASN C 233 5.14 26.29 -3.19
CA ASN C 233 5.07 27.43 -4.16
C ASN C 233 3.95 28.38 -3.84
N GLU C 234 2.85 27.84 -3.32
CA GLU C 234 1.74 28.66 -2.95
C GLU C 234 2.16 29.53 -1.81
N ALA C 235 2.76 28.91 -0.81
CA ALA C 235 3.32 29.70 0.29
C ALA C 235 4.21 30.86 -0.24
N ILE C 236 5.12 30.55 -1.15
CA ILE C 236 5.98 31.57 -1.70
C ILE C 236 5.19 32.70 -2.41
N LYS C 237 4.25 32.36 -3.25
CA LYS C 237 3.52 33.40 -3.90
C LYS C 237 2.90 34.31 -2.87
N GLN C 238 2.40 33.73 -1.78
CA GLN C 238 1.73 34.49 -0.77
C GLN C 238 2.72 35.42 -0.04
N ALA C 239 3.92 34.91 0.20
CA ALA C 239 4.98 35.68 0.87
C ALA C 239 5.38 36.87 0.05
N ILE C 240 5.56 36.66 -1.24
CA ILE C 240 5.74 37.75 -2.20
C ILE C 240 4.61 38.77 -2.13
N ALA C 241 3.37 38.31 -2.14
CA ALA C 241 2.25 39.22 -2.01
C ALA C 241 2.38 40.08 -0.73
N GLY C 242 2.81 39.41 0.33
CA GLY C 242 2.97 40.04 1.62
C GLY C 242 4.17 40.95 1.79
N GLY C 243 5.03 41.00 0.79
CA GLY C 243 6.18 41.91 0.75
C GLY C 243 7.47 41.29 1.27
N MET C 244 7.42 40.00 1.58
CA MET C 244 8.60 39.29 2.09
C MET C 244 9.81 39.31 1.14
N GLY C 245 9.58 39.44 -0.17
CA GLY C 245 10.64 39.47 -1.17
C GLY C 245 10.22 39.05 -2.58
N ILE C 246 11.21 38.65 -3.41
CA ILE C 246 10.98 38.01 -4.72
C ILE C 246 11.43 36.54 -4.68
N SER C 247 10.97 35.79 -5.66
CA SER C 247 11.53 34.44 -5.87
C SER C 247 11.51 34.03 -7.31
N VAL C 248 12.07 32.82 -7.51
CA VAL C 248 11.98 32.12 -8.79
C VAL C 248 11.15 30.88 -8.57
N LEU C 249 10.14 30.73 -9.43
CA LEU C 249 9.19 29.65 -9.52
C LEU C 249 8.81 29.32 -10.98
N SER C 250 8.17 28.18 -11.18
CA SER C 250 7.63 27.82 -12.45
C SER C 250 6.48 28.74 -12.83
N GLN C 251 6.55 29.31 -14.02
CA GLN C 251 5.55 30.23 -14.52
C GLN C 251 4.16 29.66 -14.47
N HIS C 252 4.02 28.33 -14.53
CA HIS C 252 2.68 27.73 -14.51
C HIS C 252 1.94 27.94 -13.17
N THR C 253 2.73 28.18 -12.07
CA THR C 253 2.14 28.67 -10.80
C THR C 253 1.25 29.92 -10.98
N LEU C 254 1.41 30.64 -12.09
CA LEU C 254 0.68 31.88 -12.34
C LEU C 254 -0.54 31.71 -13.18
N VAL C 255 -0.91 30.48 -13.47
CA VAL C 255 -2.05 30.20 -14.39
C VAL C 255 -3.38 30.98 -14.12
N SER C 256 -3.84 31.12 -12.87
CA SER C 256 -5.10 31.88 -12.64
C SER C 256 -4.93 33.42 -12.63
N GLU C 257 -3.71 33.93 -12.57
CA GLU C 257 -3.50 35.38 -12.51
C GLU C 257 -3.92 36.07 -13.82
N GLY C 258 -4.57 37.23 -13.71
CA GLY C 258 -5.15 37.94 -14.86
C GLY C 258 -4.45 39.23 -15.22
N ALA C 259 -5.19 40.17 -15.78
CA ALA C 259 -4.60 41.43 -16.21
C ALA C 259 -4.09 42.20 -14.97
N ARG C 260 -5.00 42.45 -14.02
CA ARG C 260 -4.69 43.11 -12.75
C ARG C 260 -4.30 42.04 -11.72
N SER C 261 -3.00 41.79 -11.61
CA SER C 261 -2.44 40.87 -10.60
C SER C 261 -1.53 41.62 -9.63
N GLU C 262 -1.59 41.17 -8.37
CA GLU C 262 -0.59 41.53 -7.36
C GLU C 262 0.81 41.03 -7.63
N LEU C 263 0.98 40.11 -8.55
CA LEU C 263 2.29 39.63 -8.88
C LEU C 263 2.65 40.07 -10.28
N THR C 264 3.93 39.92 -10.61
CA THR C 264 4.43 40.31 -11.91
C THR C 264 5.74 39.55 -12.14
N ILE C 265 6.09 39.37 -13.43
CA ILE C 265 7.37 38.77 -13.82
C ILE C 265 8.37 39.87 -14.16
N LEU C 266 9.60 39.72 -13.72
CA LEU C 266 10.56 40.80 -13.78
C LEU C 266 11.27 41.13 -15.08
N ASP C 267 11.49 40.17 -15.95
CA ASP C 267 12.19 40.44 -17.30
C ASP C 267 13.67 40.67 -17.12
N ILE C 268 14.24 39.84 -16.28
CA ILE C 268 15.63 39.79 -16.02
C ILE C 268 16.25 38.96 -17.10
N ASP C 269 17.45 39.36 -17.51
CA ASP C 269 18.20 38.55 -18.51
C ASP C 269 18.82 37.33 -17.85
N GLU C 270 18.98 36.31 -18.69
CA GLU C 270 19.33 34.94 -18.33
C GLU C 270 18.11 34.12 -17.90
N PHE C 271 16.90 34.64 -18.12
CA PHE C 271 15.60 34.04 -17.71
C PHE C 271 14.66 34.06 -18.95
N PRO C 272 13.78 33.07 -19.12
CA PRO C 272 13.54 32.00 -18.15
C PRO C 272 14.61 31.02 -18.05
N ILE C 273 14.83 30.46 -16.85
CA ILE C 273 15.56 29.18 -16.74
C ILE C 273 14.70 28.12 -17.45
N LYS C 274 15.24 27.51 -18.52
CA LYS C 274 14.45 26.59 -19.38
C LYS C 274 14.55 25.13 -18.90
N ARG C 275 13.36 24.52 -18.72
CA ARG C 275 13.17 23.15 -18.30
C ARG C 275 11.92 22.64 -19.05
N ARG C 276 11.73 21.32 -19.03
CA ARG C 276 10.75 20.67 -19.89
C ARG C 276 10.02 19.66 -19.06
N TRP C 277 8.81 19.35 -19.51
CA TRP C 277 8.10 18.14 -19.12
C TRP C 277 8.09 17.06 -20.23
N TYR C 278 8.32 15.81 -19.81
CA TYR C 278 8.26 14.64 -20.67
C TYR C 278 7.01 13.81 -20.40
N VAL C 279 6.49 13.14 -21.42
CA VAL C 279 5.60 11.96 -21.30
C VAL C 279 6.42 10.70 -21.47
N ALA C 280 6.19 9.68 -20.64
CA ALA C 280 6.94 8.40 -20.74
C ALA C 280 6.03 7.20 -20.55
N ASN C 281 6.40 6.10 -21.20
CA ASN C 281 5.83 4.79 -20.89
C ASN C 281 6.97 3.83 -20.81
N LEU C 282 6.74 2.69 -20.17
CA LEU C 282 7.82 1.73 -20.01
C LEU C 282 8.15 1.14 -21.37
N ALA C 283 9.42 0.90 -21.66
CA ALA C 283 9.84 0.31 -22.94
C ALA C 283 9.22 -1.05 -23.00
N GLY C 284 8.79 -1.44 -24.20
CA GLY C 284 7.99 -2.65 -24.45
C GLY C 284 6.71 -2.70 -23.62
N LYS C 285 5.84 -1.71 -23.78
CA LYS C 285 4.53 -1.72 -23.15
C LYS C 285 3.43 -1.61 -24.21
N GLN C 286 2.33 -2.33 -23.91
CA GLN C 286 1.15 -2.41 -24.73
C GLN C 286 0.29 -1.21 -24.43
N LEU C 287 0.39 -0.16 -25.25
CA LEU C 287 -0.38 1.08 -25.00
C LEU C 287 -1.87 0.87 -25.26
N SER C 288 -2.71 1.01 -24.23
CA SER C 288 -4.17 0.94 -24.41
C SER C 288 -4.72 1.98 -25.37
N VAL C 289 -5.94 1.73 -25.80
CA VAL C 289 -6.61 2.54 -26.81
C VAL C 289 -6.71 3.92 -26.27
N ILE C 290 -7.24 4.04 -25.05
CA ILE C 290 -7.42 5.35 -24.43
C ILE C 290 -6.11 6.02 -24.06
N THR C 291 -5.06 5.24 -23.88
CA THR C 291 -3.76 5.80 -23.53
C THR C 291 -3.19 6.50 -24.73
N GLN C 292 -3.20 5.82 -25.87
CA GLN C 292 -2.68 6.38 -27.13
C GLN C 292 -3.60 7.55 -27.55
N THR C 293 -4.90 7.45 -27.29
CA THR C 293 -5.83 8.54 -27.53
C THR C 293 -5.44 9.78 -26.74
N PHE C 294 -5.24 9.57 -25.43
CA PHE C 294 -4.87 10.63 -24.50
C PHE C 294 -3.53 11.23 -24.90
N LEU C 295 -2.59 10.38 -25.26
CA LEU C 295 -1.26 10.86 -25.67
C LEU C 295 -1.37 11.83 -26.85
N ASP C 296 -2.29 11.57 -27.74
CA ASP C 296 -2.41 12.32 -28.96
C ASP C 296 -2.98 13.63 -28.58
N TYR C 297 -4.07 13.60 -27.82
CA TYR C 297 -4.75 14.80 -27.30
C TYR C 297 -3.84 15.69 -26.49
N LEU C 298 -2.82 15.09 -25.86
CA LEU C 298 -1.90 15.81 -24.98
C LEU C 298 -0.98 16.68 -25.80
N MET C 299 -0.25 16.01 -26.70
CA MET C 299 0.68 16.66 -27.62
C MET C 299 -0.02 17.79 -28.42
N ALA C 300 -1.26 17.52 -28.82
CA ALA C 300 -2.11 18.48 -29.50
C ALA C 300 -2.29 19.74 -28.67
N VAL C 301 -2.92 19.61 -27.49
CA VAL C 301 -3.32 20.78 -26.71
C VAL C 301 -2.14 21.57 -26.09
N THR C 302 -0.93 21.00 -26.10
CA THR C 302 0.23 21.64 -25.48
C THR C 302 1.26 22.10 -26.48
N LYS C 303 0.90 22.03 -27.77
CA LYS C 303 1.78 22.47 -28.87
C LYS C 303 1.57 23.99 -29.05
N ASN C 304 0.31 24.41 -29.19
CA ASN C 304 -0.04 25.84 -29.26
C ASN C 304 -0.61 26.33 -27.92
N MET C 305 0.20 26.12 -26.86
CA MET C 305 -0.13 26.50 -25.47
C MET C 305 0.92 27.49 -24.95
N PRO C 306 0.49 28.75 -24.64
CA PRO C 306 1.44 29.84 -24.32
C PRO C 306 2.26 29.68 -22.99
N HIS D 8 29.64 28.01 7.84
CA HIS D 8 29.04 27.40 6.55
C HIS D 8 29.59 25.95 6.22
N MET D 9 29.71 25.56 4.94
CA MET D 9 29.88 24.12 4.55
C MET D 9 31.11 23.80 3.67
N GLN D 10 32.05 24.74 3.55
CA GLN D 10 33.44 24.48 3.08
C GLN D 10 34.37 24.06 4.24
N ALA D 11 33.85 24.22 5.45
CA ALA D 11 34.51 23.77 6.63
C ALA D 11 34.64 22.26 6.60
N THR D 12 35.80 21.75 6.95
CA THR D 12 35.94 20.30 7.15
C THR D 12 35.62 19.85 8.57
N LEU D 13 35.55 18.56 8.78
CA LEU D 13 35.22 17.98 10.08
C LEU D 13 36.44 18.03 10.98
N HIS D 14 37.61 17.95 10.38
CA HIS D 14 38.85 18.01 11.13
C HIS D 14 39.07 19.44 11.67
N GLN D 15 38.81 20.46 10.85
CA GLN D 15 38.76 21.85 11.31
C GLN D 15 37.81 22.08 12.56
N LEU D 16 36.69 21.38 12.64
CA LEU D 16 35.78 21.51 13.77
C LEU D 16 36.44 20.82 14.93
N LYS D 17 37.02 19.66 14.71
CA LYS D 17 37.63 18.90 15.79
C LYS D 17 38.77 19.65 16.50
N VAL D 18 39.55 20.35 15.67
CA VAL D 18 40.70 21.16 16.12
C VAL D 18 40.18 22.41 16.84
N PHE D 19 39.14 23.03 16.26
CA PHE D 19 38.43 24.12 16.89
C PHE D 19 37.88 23.73 18.28
N GLU D 20 37.27 22.57 18.36
CA GLU D 20 36.64 22.17 19.61
C GLU D 20 37.71 21.90 20.68
N ALA D 21 38.80 21.24 20.31
CA ALA D 21 39.90 21.09 21.23
C ALA D 21 40.49 22.48 21.69
N THR D 22 40.62 23.40 20.72
CA THR D 22 41.16 24.72 21.02
C THR D 22 40.29 25.51 22.03
N ALA D 23 38.98 25.42 21.88
CA ALA D 23 38.06 26.02 22.81
C ALA D 23 38.14 25.37 24.18
N ARG D 24 38.36 24.05 24.18
CA ARG D 24 38.37 23.27 25.41
C ARG D 24 39.62 23.56 26.27
N HIS D 25 40.75 23.68 25.62
CA HIS D 25 41.99 23.98 26.33
C HIS D 25 42.29 25.50 26.49
N GLY D 26 41.70 26.31 25.62
CA GLY D 26 42.04 27.71 25.51
C GLY D 26 43.41 27.97 24.97
N SER D 27 44.07 27.00 24.34
CA SER D 27 45.26 27.34 23.53
C SER D 27 45.48 26.46 22.33
N PHE D 28 46.12 27.05 21.34
CA PHE D 28 46.52 26.28 20.19
C PHE D 28 47.46 25.13 20.56
N THR D 29 48.50 25.46 21.32
CA THR D 29 49.49 24.47 21.79
C THR D 29 48.90 23.23 22.50
N ARG D 30 48.14 23.46 23.54
CA ARG D 30 47.53 22.33 24.24
C ARG D 30 46.58 21.53 23.35
N ALA D 31 45.95 22.21 22.40
CA ALA D 31 45.04 21.56 21.47
C ALA D 31 45.85 20.65 20.54
N ALA D 32 46.85 21.22 19.87
CA ALA D 32 47.78 20.46 19.03
C ALA D 32 48.44 19.21 19.70
N GLU D 33 48.72 19.28 21.00
CA GLU D 33 49.22 18.11 21.73
C GLU D 33 48.20 16.97 21.79
N GLU D 34 46.94 17.31 21.88
CA GLU D 34 45.85 16.34 21.91
C GLU D 34 45.62 15.61 20.58
N LEU D 35 45.88 16.30 19.48
CA LEU D 35 45.60 15.83 18.14
C LEU D 35 46.87 15.36 17.40
N TYR D 36 47.99 15.24 18.12
CA TYR D 36 49.23 14.78 17.53
C TYR D 36 49.56 15.48 16.22
N ILE D 37 49.35 16.80 16.18
CA ILE D 37 49.73 17.67 15.05
C ILE D 37 50.54 18.84 15.61
N THR D 38 51.04 19.70 14.73
CA THR D 38 51.88 20.84 15.14
C THR D 38 51.04 22.10 15.48
N GLN D 39 51.65 23.04 16.20
CA GLN D 39 51.00 24.29 16.61
C GLN D 39 50.66 25.21 15.43
N PRO D 40 51.55 25.30 14.44
CA PRO D 40 51.18 26.18 13.31
C PRO D 40 50.11 25.58 12.36
N THR D 41 49.90 24.25 12.38
CA THR D 41 48.77 23.64 11.58
C THR D 41 47.45 24.11 12.22
N VAL D 42 47.33 23.85 13.53
CA VAL D 42 46.21 24.38 14.38
C VAL D 42 45.87 25.85 14.13
N SER D 43 46.82 26.76 14.30
CA SER D 43 46.61 28.20 13.99
C SER D 43 46.01 28.47 12.63
N SER D 44 46.51 27.78 11.62
CA SER D 44 46.16 28.11 10.22
C SER D 44 44.81 27.49 9.90
N GLN D 45 44.61 26.27 10.40
CA GLN D 45 43.30 25.62 10.45
C GLN D 45 42.18 26.49 11.08
N ILE D 46 42.44 27.09 12.23
CA ILE D 46 41.48 27.96 12.89
C ILE D 46 41.28 29.21 12.06
N LYS D 47 42.36 29.69 11.45
CA LYS D 47 42.26 30.95 10.72
C LYS D 47 41.43 30.77 9.46
N GLN D 48 41.59 29.62 8.82
CA GLN D 48 40.81 29.28 7.65
C GLN D 48 39.34 29.13 8.02
N LEU D 49 39.06 28.30 9.01
CA LEU D 49 37.73 28.23 9.61
C LEU D 49 37.12 29.58 9.98
N SER D 50 37.93 30.49 10.53
CA SER D 50 37.48 31.84 10.90
C SER D 50 37.09 32.61 9.67
N LYS D 51 37.81 32.37 8.58
CA LYS D 51 37.49 33.01 7.29
C LYS D 51 36.12 32.53 6.77
N THR D 52 35.98 31.20 6.68
CA THR D 52 34.79 30.60 6.12
C THR D 52 33.58 30.99 6.97
N VAL D 53 33.73 31.00 8.30
CA VAL D 53 32.64 31.45 9.18
C VAL D 53 32.29 32.88 8.90
N GLY D 54 33.30 33.72 8.71
CA GLY D 54 33.15 35.18 8.48
C GLY D 54 33.28 36.08 9.72
N LEU D 55 33.66 35.47 10.84
CA LEU D 55 33.85 36.17 12.11
C LEU D 55 34.96 35.52 12.95
N PRO D 56 35.61 36.32 13.78
CA PRO D 56 36.57 35.78 14.74
C PRO D 56 35.96 34.83 15.73
N LEU D 57 36.61 33.72 15.92
CA LEU D 57 36.12 32.73 16.83
C LEU D 57 36.69 32.83 18.25
N PHE D 58 37.95 33.21 18.34
CA PHE D 58 38.60 33.43 19.61
C PHE D 58 39.01 34.89 19.82
N GLU D 59 39.21 35.25 21.09
CA GLU D 59 40.02 36.42 21.51
C GLU D 59 40.86 36.01 22.74
N GLN D 60 42.12 36.44 22.71
CA GLN D 60 43.01 36.33 23.85
C GLN D 60 42.71 37.37 24.97
N ILE D 61 42.39 36.88 26.15
CA ILE D 61 42.27 37.70 27.32
C ILE D 61 43.27 37.08 28.33
N GLY D 62 44.27 37.86 28.71
CA GLY D 62 45.24 37.39 29.66
C GLY D 62 46.03 36.26 29.02
N LYS D 63 46.16 35.14 29.72
CA LYS D 63 46.96 34.02 29.29
C LYS D 63 46.18 32.96 28.48
N ARG D 64 45.02 33.32 27.93
CA ARG D 64 44.03 32.31 27.42
C ARG D 64 43.11 32.78 26.27
N LEU D 65 42.82 31.86 25.37
CA LEU D 65 41.86 32.08 24.33
C LEU D 65 40.45 31.85 24.84
N TYR D 66 39.58 32.83 24.65
CA TYR D 66 38.17 32.74 25.03
C TYR D 66 37.27 32.84 23.77
N LEU D 67 36.12 32.19 23.80
CA LEU D 67 35.20 32.19 22.69
C LEU D 67 34.48 33.52 22.48
N THR D 68 34.42 33.95 21.23
CA THR D 68 33.53 35.05 20.81
C THR D 68 32.10 34.52 20.87
N GLU D 69 31.14 35.41 20.56
CA GLU D 69 29.73 35.01 20.48
C GLU D 69 29.55 33.92 19.40
N ALA D 70 30.12 34.16 18.21
CA ALA D 70 30.09 33.23 17.12
C ALA D 70 30.77 31.94 17.51
N GLY D 71 31.91 32.08 18.18
CA GLY D 71 32.65 30.92 18.68
C GLY D 71 31.87 30.04 19.61
N GLN D 72 30.99 30.67 20.39
CA GLN D 72 30.28 30.00 21.45
C GLN D 72 29.18 29.12 20.84
N GLU D 73 28.50 29.71 19.86
CA GLU D 73 27.50 29.02 19.06
C GLU D 73 28.13 27.89 18.26
N LEU D 74 29.26 28.19 17.59
CA LEU D 74 30.03 27.14 16.87
C LEU D 74 30.37 25.94 17.76
N LEU D 75 30.67 26.20 19.03
CA LEU D 75 31.05 25.15 19.96
C LEU D 75 29.88 24.21 20.26
N VAL D 76 28.71 24.80 20.47
CA VAL D 76 27.51 24.02 20.75
C VAL D 76 27.14 23.23 19.51
N THR D 77 27.19 23.87 18.32
CA THR D 77 26.86 23.15 17.08
C THR D 77 27.88 22.04 16.82
N CYS D 78 29.15 22.24 17.16
CA CYS D 78 30.13 21.13 17.14
C CYS D 78 29.84 19.98 18.15
N GLN D 79 29.43 20.32 19.35
CA GLN D 79 29.16 19.28 20.33
C GLN D 79 27.95 18.44 19.90
N ASP D 80 26.91 19.08 19.38
CA ASP D 80 25.77 18.36 18.79
C ASP D 80 26.22 17.45 17.60
N ILE D 81 27.00 17.97 16.66
CA ILE D 81 27.42 17.21 15.49
C ILE D 81 28.16 15.96 15.92
N PHE D 82 29.18 16.14 16.78
CA PHE D 82 29.98 15.04 17.31
C PHE D 82 29.07 14.05 18.08
N GLN D 83 28.17 14.57 18.91
CA GLN D 83 27.24 13.72 19.60
C GLN D 83 26.47 12.79 18.58
N ARG D 84 25.85 13.41 17.58
CA ARG D 84 25.00 12.74 16.62
C ARG D 84 25.82 11.69 15.84
N LEU D 85 27.03 12.05 15.52
CA LEU D 85 27.96 11.17 14.87
C LEU D 85 28.36 9.95 15.77
N ASP D 86 28.52 10.15 17.08
CA ASP D 86 28.82 9.01 17.99
C ASP D 86 27.65 8.04 18.11
N ASN D 87 26.42 8.60 18.16
CA ASN D 87 25.17 7.83 18.20
C ASN D 87 25.03 6.88 17.03
N PHE D 88 25.37 7.35 15.85
CA PHE D 88 25.32 6.49 14.70
C PHE D 88 26.34 5.36 14.79
N ALA D 89 27.41 5.58 15.53
CA ALA D 89 28.43 4.56 15.74
C ALA D 89 27.96 3.52 16.79
N MET D 90 27.24 3.98 17.81
CA MET D 90 26.64 3.09 18.76
C MET D 90 25.69 2.15 18.03
N LYS D 91 24.83 2.68 17.14
CA LYS D 91 23.90 1.86 16.30
C LYS D 91 24.66 0.83 15.43
N VAL D 92 25.66 1.30 14.72
CA VAL D 92 26.42 0.40 13.86
C VAL D 92 27.02 -0.72 14.69
N ALA D 93 27.43 -0.40 15.91
CA ALA D 93 28.07 -1.41 16.78
C ALA D 93 27.03 -2.41 17.26
N ASP D 94 25.92 -1.88 17.83
CA ASP D 94 24.75 -2.67 18.20
C ASP D 94 24.23 -3.62 17.07
N ILE D 95 24.10 -3.08 15.85
CA ILE D 95 23.77 -3.88 14.67
C ILE D 95 24.77 -5.03 14.45
N LYS D 96 26.08 -4.72 14.46
CA LYS D 96 27.15 -5.75 14.25
C LYS D 96 27.11 -6.87 15.25
N GLY D 97 26.69 -6.55 16.47
CA GLY D 97 26.64 -7.53 17.53
C GLY D 97 25.24 -7.94 17.86
N THR D 98 24.32 -7.78 16.91
CA THR D 98 22.94 -8.30 16.98
C THR D 98 22.11 -7.82 18.18
N LYS D 99 22.41 -6.65 18.70
CA LYS D 99 21.66 -6.10 19.84
C LYS D 99 20.59 -5.13 19.36
N GLN D 100 20.61 -4.84 18.07
CA GLN D 100 19.61 -4.01 17.49
C GLN D 100 19.56 -4.37 16.01
N GLY D 101 18.43 -4.00 15.39
CA GLY D 101 18.18 -4.31 13.97
C GLY D 101 16.86 -5.00 13.63
N ARG D 102 16.68 -5.25 12.35
CA ARG D 102 15.39 -5.65 11.83
C ARG D 102 15.52 -6.93 10.98
N LEU D 103 14.61 -7.87 11.21
CA LEU D 103 14.54 -9.10 10.40
C LEU D 103 13.18 -9.16 9.78
N ARG D 104 13.16 -9.16 8.45
CA ARG D 104 11.91 -9.26 7.72
C ARG D 104 11.76 -10.63 6.94
N LEU D 105 10.72 -11.39 7.29
CA LEU D 105 10.46 -12.67 6.66
C LEU D 105 9.11 -12.61 6.02
N ALA D 106 9.01 -13.20 4.83
CA ALA D 106 7.75 -13.38 4.15
C ALA D 106 7.62 -14.83 3.77
N VAL D 107 6.55 -15.50 4.22
CA VAL D 107 6.53 -16.95 4.11
C VAL D 107 5.31 -17.41 3.44
N ILE D 108 5.41 -18.53 2.76
CA ILE D 108 4.28 -19.13 2.11
C ILE D 108 3.27 -19.69 3.14
N THR D 109 1.99 -19.62 2.80
CA THR D 109 0.90 -19.95 3.75
C THR D 109 1.21 -21.18 4.64
N THR D 110 1.59 -22.28 4.03
CA THR D 110 1.73 -23.54 4.79
C THR D 110 2.80 -23.52 5.87
N ALA D 111 3.81 -22.68 5.71
CA ALA D 111 4.80 -22.48 6.76
C ALA D 111 4.28 -21.76 7.98
N LYS D 112 3.03 -21.35 8.00
CA LYS D 112 2.46 -20.78 9.24
C LYS D 112 2.49 -21.73 10.48
N TYR D 113 2.49 -23.03 10.24
CA TYR D 113 2.47 -24.00 11.32
C TYR D 113 3.80 -24.23 12.03
N PHE D 114 4.89 -23.65 11.53
CA PHE D 114 6.19 -23.74 12.19
C PHE D 114 7.01 -22.45 12.24
N ILE D 115 7.03 -21.66 11.16
CA ILE D 115 7.91 -20.47 11.16
C ILE D 115 7.66 -19.52 12.30
N PRO D 116 6.40 -19.15 12.55
CA PRO D 116 6.15 -18.28 13.72
C PRO D 116 6.61 -18.83 15.07
N ARG D 117 6.45 -20.13 15.29
CA ARG D 117 6.96 -20.75 16.52
C ARG D 117 8.48 -20.57 16.67
N LEU D 118 9.24 -20.96 15.64
CA LEU D 118 10.71 -20.83 15.60
C LEU D 118 11.17 -19.40 15.77
N LEU D 119 10.61 -18.53 14.95
CA LEU D 119 10.78 -17.12 15.09
C LEU D 119 10.57 -16.66 16.52
N GLY D 120 9.47 -17.10 17.14
CA GLY D 120 9.23 -16.83 18.56
C GLY D 120 10.37 -17.28 19.48
N GLU D 121 10.85 -18.52 19.28
CA GLU D 121 11.97 -19.06 20.07
C GLU D 121 13.24 -18.22 19.81
N PHE D 122 13.47 -17.88 18.55
CA PHE D 122 14.67 -17.12 18.15
C PHE D 122 14.73 -15.72 18.82
N ILE D 123 13.61 -15.04 18.86
CA ILE D 123 13.59 -13.69 19.38
C ILE D 123 13.89 -13.66 20.85
N GLN D 124 13.50 -14.70 21.58
CA GLN D 124 13.80 -14.80 23.02
C GLN D 124 15.32 -14.63 23.21
N LYS D 125 16.14 -15.35 22.41
CA LYS D 125 17.62 -15.18 22.40
C LYS D 125 18.12 -13.75 22.02
N TYR D 126 17.46 -13.08 21.07
CA TYR D 126 17.85 -11.75 20.58
C TYR D 126 16.72 -10.75 20.74
N PRO D 127 16.45 -10.32 21.99
CA PRO D 127 15.34 -9.39 22.29
C PRO D 127 15.44 -7.97 21.72
N GLY D 128 16.62 -7.56 21.27
CA GLY D 128 16.77 -6.22 20.71
C GLY D 128 16.14 -6.03 19.34
N ILE D 129 16.16 -7.12 18.57
CA ILE D 129 15.68 -7.19 17.19
C ILE D 129 14.19 -6.98 17.04
N GLU D 130 13.78 -6.19 16.03
CA GLU D 130 12.37 -6.07 15.63
C GLU D 130 12.13 -7.01 14.49
N VAL D 131 10.94 -7.62 14.50
CA VAL D 131 10.53 -8.59 13.46
C VAL D 131 9.24 -8.21 12.70
N SER D 132 9.25 -8.52 11.40
CA SER D 132 8.06 -8.55 10.61
C SER D 132 7.95 -9.93 10.01
N LEU D 133 6.77 -10.50 10.12
CA LEU D 133 6.51 -11.75 9.40
C LEU D 133 5.28 -11.59 8.53
N LYS D 134 5.37 -11.92 7.27
CA LYS D 134 4.27 -11.75 6.36
C LYS D 134 3.95 -13.15 5.84
N VAL D 135 2.69 -13.56 6.04
CA VAL D 135 2.24 -14.89 5.65
C VAL D 135 1.28 -14.74 4.50
N THR D 136 1.67 -15.25 3.34
CA THR D 136 0.97 -14.99 2.12
C THR D 136 1.19 -16.03 0.99
N ASN D 137 0.60 -15.70 -0.16
CA ASN D 137 0.59 -16.59 -1.29
C ASN D 137 1.80 -16.37 -2.22
N HIS D 138 1.98 -17.31 -3.16
CA HIS D 138 3.10 -17.20 -4.11
C HIS D 138 3.09 -15.89 -4.89
N GLU D 139 1.95 -15.37 -5.30
CA GLU D 139 1.90 -14.16 -6.15
C GLU D 139 2.35 -12.95 -5.35
N GLN D 140 1.82 -12.80 -4.13
CA GLN D 140 2.24 -11.71 -3.25
C GLN D 140 3.69 -11.79 -2.96
N ILE D 141 4.19 -13.00 -2.69
CA ILE D 141 5.61 -13.22 -2.38
C ILE D 141 6.51 -12.77 -3.55
N ARG D 142 6.12 -13.04 -4.78
CA ARG D 142 6.88 -12.62 -5.96
C ARG D 142 7.00 -11.09 -6.07
N HIS D 143 5.88 -10.39 -5.88
CA HIS D 143 5.89 -8.94 -5.84
C HIS D 143 6.87 -8.36 -4.78
N ARG D 144 6.93 -9.02 -3.62
CA ARG D 144 7.84 -8.60 -2.58
C ARG D 144 9.28 -8.88 -2.95
N MET D 145 9.49 -10.02 -3.61
CA MET D 145 10.79 -10.39 -4.12
C MET D 145 11.25 -9.33 -5.15
N GLN D 146 10.34 -8.87 -6.02
CA GLN D 146 10.68 -7.91 -7.11
C GLN D 146 10.99 -6.52 -6.61
N ASN D 147 10.30 -6.12 -5.56
CA ASN D 147 10.61 -4.88 -4.90
C ASN D 147 11.58 -5.02 -3.68
N ASN D 148 12.36 -6.09 -3.58
CA ASN D 148 13.29 -6.29 -2.46
C ASN D 148 12.74 -5.93 -1.03
N GLU D 149 11.49 -6.30 -0.71
CA GLU D 149 10.82 -5.90 0.56
C GLU D 149 11.27 -6.70 1.84
N ASP D 150 12.04 -7.78 1.74
CA ASP D 150 12.37 -8.62 2.92
C ASP D 150 13.76 -9.23 2.84
N ASP D 151 14.20 -9.81 3.95
CA ASP D 151 15.55 -10.39 4.06
C ASP D 151 15.59 -11.78 3.50
N LEU D 152 14.66 -12.60 3.95
CA LEU D 152 14.49 -13.99 3.53
C LEU D 152 13.05 -14.29 3.14
N TYR D 153 12.92 -15.18 2.14
CA TYR D 153 11.65 -15.69 1.64
C TYR D 153 11.60 -17.20 1.87
N ILE D 154 10.48 -17.69 2.34
CA ILE D 154 10.27 -19.11 2.48
C ILE D 154 9.17 -19.57 1.54
N VAL D 155 9.50 -20.46 0.60
CA VAL D 155 8.61 -20.88 -0.45
C VAL D 155 8.61 -22.41 -0.66
N SER D 156 7.61 -22.91 -1.38
CA SER D 156 7.51 -24.31 -1.77
C SER D 156 8.24 -24.58 -3.07
N GLU D 157 8.17 -23.58 -3.96
CA GLU D 157 8.55 -23.68 -5.36
C GLU D 157 9.10 -22.30 -5.73
N PRO D 158 10.45 -22.16 -5.81
CA PRO D 158 11.04 -20.85 -6.16
C PRO D 158 10.76 -20.43 -7.61
N PRO D 159 10.29 -19.23 -7.81
CA PRO D 159 9.97 -18.83 -9.19
C PRO D 159 11.22 -18.55 -10.05
N GLU D 160 11.34 -19.30 -11.15
CA GLU D 160 12.48 -19.27 -12.09
C GLU D 160 12.83 -17.87 -12.56
N GLU D 161 11.83 -16.98 -12.73
CA GLU D 161 12.05 -15.69 -13.38
C GLU D 161 12.65 -14.61 -12.46
N ILE D 162 13.01 -15.02 -11.24
CA ILE D 162 13.61 -14.14 -10.22
C ILE D 162 14.91 -14.78 -9.80
N ASP D 163 15.97 -13.98 -9.76
CA ASP D 163 17.28 -14.49 -9.38
C ASP D 163 17.39 -14.68 -7.91
N LEU D 164 17.56 -15.93 -7.49
CA LEU D 164 17.49 -16.26 -6.09
C LEU D 164 18.56 -17.24 -5.68
N ASN D 165 19.17 -16.98 -4.53
CA ASN D 165 20.01 -18.00 -3.90
C ASN D 165 19.07 -18.75 -3.03
N TYR D 166 19.01 -20.08 -3.14
CA TYR D 166 18.12 -20.84 -2.27
C TYR D 166 18.59 -22.24 -1.96
N GLN D 167 18.10 -22.76 -0.84
CA GLN D 167 18.42 -24.12 -0.38
C GLN D 167 17.23 -24.77 0.35
N PRO D 168 17.05 -26.08 0.18
CA PRO D 168 15.97 -26.75 0.88
C PRO D 168 16.36 -26.98 2.31
N PHE D 169 15.36 -27.02 3.20
CA PHE D 169 15.64 -27.08 4.66
C PHE D 169 14.66 -27.92 5.52
N LEU D 170 13.51 -28.30 4.94
CA LEU D 170 12.51 -29.07 5.66
C LEU D 170 11.50 -29.66 4.68
N ASP D 171 11.12 -30.92 4.94
CA ASP D 171 10.22 -31.64 4.05
C ASP D 171 8.82 -31.25 4.42
N ASN D 172 7.94 -31.24 3.42
CA ASN D 172 6.51 -30.96 3.58
C ASN D 172 5.70 -32.17 3.09
N PRO D 173 5.68 -33.26 3.88
CA PRO D 173 4.90 -34.45 3.50
C PRO D 173 3.38 -34.25 3.55
N LEU D 174 2.71 -34.49 2.42
CA LEU D 174 1.23 -34.49 2.40
C LEU D 174 0.74 -35.91 2.65
N VAL D 175 -0.18 -36.06 3.60
CA VAL D 175 -0.59 -37.35 4.13
C VAL D 175 -2.07 -37.46 4.12
N VAL D 176 -2.58 -38.70 4.02
CA VAL D 176 -4.02 -38.94 3.99
C VAL D 176 -4.60 -38.88 5.42
N ILE D 177 -5.62 -38.04 5.59
CA ILE D 177 -6.16 -37.77 6.93
C ILE D 177 -7.62 -38.11 7.01
N ALA D 178 -7.89 -38.79 8.14
CA ALA D 178 -9.18 -39.35 8.46
C ALA D 178 -9.57 -39.18 9.91
N ARG D 179 -10.85 -39.49 10.19
CA ARG D 179 -11.35 -39.49 11.56
C ARG D 179 -10.95 -40.82 12.17
N ARG D 180 -10.72 -40.83 13.49
CA ARG D 180 -10.07 -41.98 14.21
C ARG D 180 -10.81 -43.31 14.03
N ASP D 181 -12.13 -43.26 13.88
CA ASP D 181 -12.97 -44.40 13.58
C ASP D 181 -13.06 -44.87 12.13
N HIS D 182 -12.15 -44.45 11.27
CA HIS D 182 -12.25 -44.89 9.86
C HIS D 182 -11.82 -46.38 9.81
N PRO D 183 -12.52 -47.22 8.96
CA PRO D 183 -12.16 -48.66 8.80
C PRO D 183 -10.66 -48.93 8.61
N LEU D 184 -10.02 -48.12 7.78
CA LEU D 184 -8.58 -48.27 7.48
C LEU D 184 -7.61 -47.76 8.57
N ALA D 185 -8.12 -47.32 9.71
CA ALA D 185 -7.26 -46.78 10.75
C ALA D 185 -6.52 -47.93 11.36
N GLY D 186 -5.26 -47.70 11.72
CA GLY D 186 -4.41 -48.73 12.34
C GLY D 186 -3.72 -49.66 11.36
N LYS D 187 -4.22 -49.71 10.13
CA LYS D 187 -3.71 -50.62 9.10
C LYS D 187 -2.35 -50.18 8.52
N SER D 188 -1.74 -51.06 7.71
CA SER D 188 -0.46 -50.80 7.05
C SER D 188 -0.46 -51.21 5.59
N ASN D 189 0.52 -50.74 4.85
CA ASN D 189 0.66 -51.15 3.45
C ASN D 189 -0.67 -51.23 2.74
N ILE D 190 -1.55 -50.29 3.03
CA ILE D 190 -2.83 -50.21 2.40
C ILE D 190 -2.63 -49.91 0.89
N PRO D 191 -3.23 -50.70 -0.01
CA PRO D 191 -3.18 -50.32 -1.45
C PRO D 191 -3.74 -48.94 -1.73
N ILE D 192 -3.03 -48.14 -2.51
CA ILE D 192 -3.56 -46.84 -2.96
C ILE D 192 -4.95 -46.95 -3.62
N THR D 193 -5.30 -48.12 -4.16
CA THR D 193 -6.63 -48.29 -4.79
C THR D 193 -7.80 -48.41 -3.74
N ALA D 194 -7.46 -48.67 -2.47
CA ALA D 194 -8.43 -48.55 -1.36
C ALA D 194 -9.26 -47.21 -1.40
N LEU D 195 -8.59 -46.11 -1.71
CA LEU D 195 -9.23 -44.81 -1.85
C LEU D 195 -10.32 -44.69 -2.93
N ASN D 196 -10.47 -45.68 -3.82
CA ASN D 196 -11.46 -45.59 -4.90
C ASN D 196 -12.79 -45.59 -4.22
N ASP D 197 -13.70 -44.73 -4.69
CA ASP D 197 -15.08 -44.65 -4.19
C ASP D 197 -15.21 -43.96 -2.79
N GLU D 198 -14.09 -43.52 -2.24
CA GLU D 198 -14.00 -42.94 -0.91
C GLU D 198 -14.46 -41.46 -0.90
N ALA D 199 -15.19 -41.07 0.15
CA ALA D 199 -15.68 -39.70 0.30
C ALA D 199 -14.45 -38.88 0.67
N PHE D 200 -14.25 -37.82 -0.10
CA PHE D 200 -13.01 -37.09 -0.11
C PHE D 200 -13.33 -35.58 -0.13
N ILE D 201 -12.56 -34.81 0.65
CA ILE D 201 -12.75 -33.37 0.69
C ILE D 201 -11.56 -32.75 0.02
N MET D 202 -11.84 -32.08 -1.08
CA MET D 202 -10.80 -31.56 -1.93
C MET D 202 -10.45 -30.14 -1.50
N ARG D 203 -9.18 -29.77 -1.68
CA ARG D 203 -8.77 -28.37 -1.68
C ARG D 203 -9.33 -27.63 -2.91
N GLU D 204 -9.15 -26.32 -2.93
CA GLU D 204 -9.76 -25.46 -3.94
C GLU D 204 -9.02 -25.64 -5.25
N LYS D 205 -9.78 -25.53 -6.35
CA LYS D 205 -9.22 -25.43 -7.70
C LYS D 205 -8.03 -24.45 -7.76
N GLY D 206 -7.01 -24.82 -8.52
CA GLY D 206 -5.80 -24.01 -8.61
C GLY D 206 -4.85 -24.04 -7.44
N SER D 207 -5.15 -24.76 -6.36
CA SER D 207 -4.19 -24.89 -5.22
C SER D 207 -2.91 -25.70 -5.53
N GLY D 208 -1.89 -25.53 -4.72
CA GLY D 208 -0.69 -26.37 -4.85
C GLY D 208 -0.98 -27.82 -4.49
N THR D 209 -1.53 -27.98 -3.29
CA THR D 209 -2.02 -29.25 -2.76
C THR D 209 -3.02 -30.00 -3.65
N ARG D 210 -4.00 -29.30 -4.23
CA ARG D 210 -4.98 -29.99 -5.06
C ARG D 210 -4.31 -30.57 -6.29
N LEU D 211 -3.32 -29.87 -6.83
CA LEU D 211 -2.61 -30.33 -8.04
C LEU D 211 -1.81 -31.56 -7.71
N ALA D 212 -0.93 -31.44 -6.74
CA ALA D 212 -0.13 -32.58 -6.30
C ALA D 212 -0.93 -33.81 -5.94
N VAL D 213 -2.19 -33.61 -5.58
CA VAL D 213 -3.08 -34.71 -5.24
C VAL D 213 -3.70 -35.27 -6.52
N GLN D 214 -4.14 -34.39 -7.43
CA GLN D 214 -4.74 -34.81 -8.71
C GLN D 214 -3.77 -35.48 -9.72
N ASN D 215 -2.46 -35.19 -9.60
CA ASN D 215 -1.39 -35.87 -10.33
C ASN D 215 -1.40 -37.33 -9.95
N LEU D 216 -1.10 -37.59 -8.67
CA LEU D 216 -1.01 -38.93 -8.10
C LEU D 216 -2.29 -39.78 -8.31
N PHE D 217 -3.46 -39.15 -8.26
CA PHE D 217 -4.72 -39.86 -8.48
C PHE D 217 -4.99 -40.22 -9.95
N HIS D 218 -4.63 -39.34 -10.88
CA HIS D 218 -4.77 -39.67 -12.32
C HIS D 218 -3.74 -40.73 -12.75
N ARG D 219 -2.56 -40.71 -12.12
CA ARG D 219 -1.48 -41.65 -12.39
C ARG D 219 -1.78 -43.07 -11.95
N HIS D 220 -2.43 -43.27 -10.81
CA HIS D 220 -2.81 -44.63 -10.34
C HIS D 220 -4.31 -44.99 -10.56
N TYR D 221 -4.92 -44.27 -11.50
CA TYR D 221 -6.29 -44.54 -11.96
C TYR D 221 -7.31 -44.54 -10.80
N VAL D 222 -7.08 -43.65 -9.83
CA VAL D 222 -7.87 -43.57 -8.60
C VAL D 222 -9.02 -42.58 -8.76
N ASP D 223 -10.25 -43.05 -8.54
CA ASP D 223 -11.49 -42.24 -8.64
C ASP D 223 -12.11 -42.10 -7.27
N VAL D 224 -12.00 -40.91 -6.70
CA VAL D 224 -12.57 -40.65 -5.37
C VAL D 224 -13.91 -39.92 -5.48
N ARG D 225 -14.77 -40.14 -4.49
CA ARG D 225 -16.06 -39.45 -4.38
C ARG D 225 -15.87 -38.08 -3.66
N VAL D 226 -15.61 -37.03 -4.45
CA VAL D 226 -15.46 -35.66 -3.96
C VAL D 226 -16.81 -35.17 -3.41
N ARG D 227 -16.93 -35.17 -2.08
CA ARG D 227 -18.15 -34.74 -1.41
C ARG D 227 -18.19 -33.24 -1.16
N LEU D 228 -17.02 -32.58 -1.15
CA LEU D 228 -16.90 -31.17 -0.74
C LEU D 228 -15.60 -30.55 -1.21
N GLU D 229 -15.67 -29.29 -1.56
CA GLU D 229 -14.49 -28.53 -1.88
C GLU D 229 -14.40 -27.37 -0.85
N LEU D 230 -13.18 -27.08 -0.38
CA LEU D 230 -12.94 -26.05 0.63
C LEU D 230 -11.57 -25.37 0.42
N GLY D 231 -11.47 -24.11 0.88
CA GLY D 231 -10.33 -23.24 0.64
C GLY D 231 -9.39 -23.21 1.79
N SER D 232 -9.72 -23.96 2.84
CA SER D 232 -9.21 -23.71 4.18
C SER D 232 -8.80 -25.03 4.82
N ASN D 233 -7.56 -25.18 5.27
CA ASN D 233 -7.10 -26.45 5.91
C ASN D 233 -7.78 -26.73 7.23
N GLU D 234 -7.99 -25.68 7.98
CA GLU D 234 -8.70 -25.76 9.23
C GLU D 234 -10.17 -26.22 9.05
N ALA D 235 -10.81 -25.68 8.02
CA ALA D 235 -12.17 -26.04 7.72
C ALA D 235 -12.24 -27.54 7.41
N ILE D 236 -11.32 -28.00 6.58
CA ILE D 236 -11.29 -29.36 6.17
C ILE D 236 -11.11 -30.30 7.38
N LYS D 237 -10.12 -30.01 8.21
CA LYS D 237 -9.92 -30.84 9.36
C LYS D 237 -11.25 -30.95 10.11
N GLN D 238 -11.93 -29.83 10.29
CA GLN D 238 -13.23 -29.84 11.01
C GLN D 238 -14.27 -30.69 10.28
N ALA D 239 -14.27 -30.63 8.97
CA ALA D 239 -15.25 -31.38 8.16
C ALA D 239 -15.02 -32.89 8.29
N ILE D 240 -13.76 -33.31 8.19
CA ILE D 240 -13.31 -34.67 8.56
C ILE D 240 -13.89 -35.09 9.94
N ALA D 241 -13.69 -34.28 10.96
CA ALA D 241 -14.17 -34.55 12.27
C ALA D 241 -15.69 -34.69 12.32
N GLY D 242 -16.38 -33.92 11.49
CA GLY D 242 -17.83 -34.05 11.35
C GLY D 242 -18.38 -35.21 10.50
N GLY D 243 -17.48 -35.99 9.90
CA GLY D 243 -17.81 -37.23 9.20
C GLY D 243 -18.07 -37.07 7.71
N MET D 244 -17.64 -35.95 7.17
CA MET D 244 -17.95 -35.59 5.82
C MET D 244 -16.95 -36.26 4.85
N GLY D 245 -15.97 -37.03 5.39
CA GLY D 245 -14.94 -37.57 4.52
C GLY D 245 -13.49 -37.61 4.97
N ILE D 246 -12.60 -37.86 4.00
CA ILE D 246 -11.16 -37.83 4.19
C ILE D 246 -10.54 -36.81 3.27
N SER D 247 -9.27 -36.52 3.51
CA SER D 247 -8.54 -35.58 2.66
C SER D 247 -7.03 -35.73 2.79
N VAL D 248 -6.32 -35.03 1.91
CA VAL D 248 -4.89 -34.93 1.96
C VAL D 248 -4.59 -33.44 2.15
N LEU D 249 -3.78 -33.26 3.19
CA LEU D 249 -3.29 -32.04 3.70
C LEU D 249 -1.82 -32.20 4.11
N SER D 250 -1.09 -31.11 4.27
CA SER D 250 0.23 -31.15 4.84
C SER D 250 0.18 -31.67 6.27
N GLN D 251 1.10 -32.55 6.60
CA GLN D 251 1.23 -33.10 7.95
C GLN D 251 1.47 -32.05 9.05
N HIS D 252 1.98 -30.87 8.72
CA HIS D 252 2.18 -29.84 9.77
C HIS D 252 0.82 -29.21 10.25
N THR D 253 -0.26 -29.45 9.50
CA THR D 253 -1.56 -29.04 10.01
C THR D 253 -1.91 -29.72 11.34
N LEU D 254 -1.27 -30.84 11.63
CA LEU D 254 -1.63 -31.70 12.76
C LEU D 254 -0.72 -31.45 13.98
N VAL D 255 0.11 -30.41 13.88
CA VAL D 255 1.09 -30.12 14.91
C VAL D 255 0.56 -30.17 16.34
N SER D 256 -0.66 -29.69 16.54
CA SER D 256 -1.23 -29.60 17.90
C SER D 256 -1.84 -30.93 18.43
N GLU D 257 -2.08 -31.89 17.54
CA GLU D 257 -2.77 -33.15 17.91
C GLU D 257 -1.89 -34.16 18.60
N GLY D 258 -2.35 -34.62 19.77
CA GLY D 258 -1.64 -35.60 20.63
C GLY D 258 -2.05 -37.01 20.32
N ALA D 259 -1.76 -37.93 21.26
CA ALA D 259 -1.99 -39.37 20.99
C ALA D 259 -3.47 -39.65 20.92
N ARG D 260 -4.25 -39.03 21.81
CA ARG D 260 -5.72 -39.13 21.81
C ARG D 260 -6.32 -37.99 21.00
N SER D 261 -6.31 -38.14 19.67
CA SER D 261 -6.91 -37.19 18.71
C SER D 261 -8.17 -37.75 18.06
N GLU D 262 -9.11 -36.89 17.64
CA GLU D 262 -10.21 -37.36 16.73
C GLU D 262 -9.76 -37.62 15.31
N LEU D 263 -8.49 -37.30 15.01
CA LEU D 263 -7.93 -37.48 13.68
C LEU D 263 -6.85 -38.60 13.66
N THR D 264 -6.60 -39.15 12.47
CA THR D 264 -5.53 -40.12 12.30
C THR D 264 -4.97 -40.03 10.89
N ILE D 265 -3.76 -40.58 10.72
CA ILE D 265 -3.13 -40.69 9.36
C ILE D 265 -3.24 -42.10 8.86
N LEU D 266 -3.78 -42.26 7.68
CA LEU D 266 -3.88 -43.52 7.01
C LEU D 266 -2.58 -43.83 6.25
N ASP D 267 -2.04 -45.02 6.55
CA ASP D 267 -0.74 -45.46 6.05
C ASP D 267 -0.89 -46.08 4.65
N ILE D 268 -1.03 -45.21 3.66
CA ILE D 268 -1.27 -45.57 2.26
C ILE D 268 0.03 -45.58 1.46
N ASP D 269 0.12 -46.56 0.57
CA ASP D 269 1.12 -46.63 -0.50
C ASP D 269 1.09 -45.38 -1.36
N GLU D 270 2.29 -44.99 -1.79
CA GLU D 270 2.53 -43.73 -2.54
C GLU D 270 2.37 -42.46 -1.71
N PHE D 271 2.43 -42.59 -0.37
CA PHE D 271 2.28 -41.47 0.57
C PHE D 271 3.36 -41.63 1.63
N PRO D 272 3.93 -40.52 2.14
CA PRO D 272 3.50 -39.15 1.81
C PRO D 272 3.91 -38.60 0.43
N ILE D 273 3.05 -37.79 -0.17
CA ILE D 273 3.48 -36.98 -1.31
C ILE D 273 4.55 -36.01 -0.77
N LYS D 274 5.78 -36.20 -1.23
CA LYS D 274 6.92 -35.41 -0.74
C LYS D 274 6.93 -34.06 -1.49
N ARG D 275 6.94 -32.98 -0.71
CA ARG D 275 7.04 -31.61 -1.18
C ARG D 275 8.05 -31.03 -0.20
N ARG D 276 8.53 -29.80 -0.42
CA ARG D 276 9.67 -29.24 0.36
C ARG D 276 9.42 -27.79 0.64
N TRP D 277 10.08 -27.27 1.68
CA TRP D 277 10.21 -25.81 1.84
C TRP D 277 11.63 -25.39 1.62
N TYR D 278 11.80 -24.24 0.94
CA TYR D 278 13.11 -23.60 0.72
C TYR D 278 13.19 -22.22 1.35
N VAL D 279 14.39 -21.84 1.78
CA VAL D 279 14.76 -20.46 2.20
C VAL D 279 15.43 -19.77 0.99
N ALA D 280 15.04 -18.55 0.66
CA ALA D 280 15.63 -17.81 -0.48
C ALA D 280 15.92 -16.37 -0.12
N ASN D 281 16.95 -15.80 -0.73
CA ASN D 281 17.19 -14.36 -0.72
C ASN D 281 17.57 -14.08 -2.17
N LEU D 282 17.53 -12.79 -2.53
CA LEU D 282 17.81 -12.41 -3.90
C LEU D 282 19.28 -12.61 -4.12
N ALA D 283 19.66 -13.04 -5.32
CA ALA D 283 21.08 -13.17 -5.71
C ALA D 283 21.74 -11.81 -5.75
N GLY D 284 23.03 -11.82 -5.38
CA GLY D 284 23.86 -10.65 -5.37
C GLY D 284 23.72 -9.87 -4.07
N LYS D 285 22.50 -9.69 -3.58
CA LYS D 285 22.21 -9.21 -2.20
C LYS D 285 23.10 -9.82 -1.07
N GLN D 286 23.54 -8.97 -0.17
CA GLN D 286 24.38 -9.40 0.93
C GLN D 286 23.54 -9.41 2.22
N LEU D 287 23.62 -10.54 2.91
CA LEU D 287 22.75 -10.77 4.05
C LEU D 287 23.22 -9.98 5.24
N SER D 288 22.35 -9.13 5.79
CA SER D 288 22.58 -8.50 7.12
C SER D 288 23.02 -9.49 8.19
N VAL D 289 23.56 -8.92 9.25
CA VAL D 289 24.20 -9.76 10.26
C VAL D 289 23.09 -10.60 10.93
N ILE D 290 22.02 -9.98 11.42
CA ILE D 290 20.93 -10.73 12.02
C ILE D 290 20.24 -11.74 11.07
N THR D 291 20.16 -11.42 9.78
CA THR D 291 19.65 -12.34 8.79
C THR D 291 20.48 -13.62 8.75
N GLN D 292 21.79 -13.48 8.57
CA GLN D 292 22.69 -14.66 8.56
C GLN D 292 22.56 -15.47 9.86
N THR D 293 22.47 -14.77 10.98
CA THR D 293 22.29 -15.41 12.26
C THR D 293 21.06 -16.32 12.19
N PHE D 294 19.93 -15.73 11.77
CA PHE D 294 18.64 -16.44 11.69
C PHE D 294 18.72 -17.62 10.79
N LEU D 295 19.36 -17.46 9.65
CA LEU D 295 19.53 -18.55 8.68
C LEU D 295 20.21 -19.79 9.30
N ASP D 296 21.35 -19.56 9.94
CA ASP D 296 22.07 -20.61 10.66
C ASP D 296 21.18 -21.26 11.70
N TYR D 297 20.45 -20.45 12.45
CA TYR D 297 19.55 -20.96 13.48
C TYR D 297 18.45 -21.83 12.85
N LEU D 298 17.85 -21.36 11.75
CA LEU D 298 16.76 -22.11 11.07
C LEU D 298 17.17 -23.54 10.64
N MET D 299 18.40 -23.65 10.11
CA MET D 299 18.91 -24.87 9.48
C MET D 299 19.18 -25.91 10.54
N ALA D 300 19.86 -25.49 11.60
CA ALA D 300 20.03 -26.21 12.85
C ALA D 300 18.73 -26.88 13.41
N VAL D 301 17.74 -26.06 13.75
CA VAL D 301 16.52 -26.56 14.43
C VAL D 301 15.62 -27.40 13.54
N THR D 302 15.71 -27.20 12.22
CA THR D 302 14.92 -27.96 11.26
C THR D 302 15.60 -29.28 10.88
N LYS D 303 16.92 -29.33 10.94
CA LYS D 303 17.70 -30.51 10.52
C LYS D 303 17.26 -31.77 11.27
N ASN D 304 17.02 -31.62 12.58
CA ASN D 304 16.62 -32.74 13.44
C ASN D 304 15.11 -32.98 13.43
N MET D 305 14.37 -32.04 12.86
CA MET D 305 12.93 -31.89 13.10
C MET D 305 12.12 -33.04 12.47
N PRO D 306 11.25 -33.69 13.30
CA PRO D 306 10.27 -34.64 12.77
C PRO D 306 8.93 -33.93 12.49
N ALA D 307 8.24 -34.33 11.43
CA ALA D 307 6.85 -33.91 11.21
C ALA D 307 5.95 -34.35 12.40
N PRO D 308 4.79 -33.70 12.58
CA PRO D 308 3.81 -34.10 13.64
C PRO D 308 3.25 -35.54 13.55
N PHE D 309 2.87 -36.10 14.70
CA PHE D 309 2.57 -37.55 14.88
C PHE D 309 3.83 -38.40 14.66
#